data_7LTP
#
_entry.id   7LTP
#
_cell.length_a   182.414
_cell.length_b   59.223
_cell.length_c   67.186
_cell.angle_alpha   90.000
_cell.angle_beta   94.840
_cell.angle_gamma   90.000
#
_symmetry.space_group_name_H-M   'C 1 2 1'
#
loop_
_entity.id
_entity.type
_entity.pdbx_description
1 polymer 'Tryptophan synthase alpha chain'
2 polymer 'Tryptophan synthase beta chain'
3 non-polymer '2-({[4-(TRIFLUOROMETHOXY)PHENYL]SULFONYL}AMINO)ETHYL DIHYDROGEN PHOSPHATE'
4 non-polymer 'CESIUM ION'
5 non-polymer "PYRIDOXAL-5'-PHOSPHATE"
6 non-polymer BICINE
7 non-polymer TRYPTOPHAN
8 non-polymer 1,2-ETHANEDIOL
9 non-polymer DI(HYDROXYETHYL)ETHER
10 non-polymer 'DIMETHYL SULFOXIDE'
11 non-polymer 'CHLORIDE ION'
12 water water
#
loop_
_entity_poly.entity_id
_entity_poly.type
_entity_poly.pdbx_seq_one_letter_code
_entity_poly.pdbx_strand_id
1 'polypeptide(L)'
;MERYENLFAQLNDRREGAFVPFVTLGDPGIEQSLKIIDTLIDAGADALELGVPFSDPLADGPTIQNANLRAFAAGVTPAQ
CFEMLALIREKHPTIPIGLLMYANLVFNNGIDAFYARCEQVGVDSVLVADVPVEESAPFRQAALRHNIAPIFICPPNADD
DLLRQVASYGRGYTYLLSRSGVTGAENRGALPLHHLIEKLKEYHAAPALQGFGISSPEQVSAAVRAGAAGAISGSAIVKI
IEKNLASPKQMLAELRSFVSAMKAASRA
;
A
2 'polypeptide(L)'
;MTTLLNPYFGEFGGMYVPQILMPALNQLEEAFVSAQKDPEFQAQFADLLKNYAGRPTALTKCQNITAGTRTTLYLKREDL
LHGGAHKTNQVLGQALLAKRMGKSEIIAETGAGQHGVASALASALLGLKCRIYMGAKDVERQSPNVFRMRLMGAEVIPVH
SGSATLKDACNEALRDWSGSYETAHYMLGTAAGPHPYPTIVREFQRMIGEETKAQILDKEGRLPDAVIACVGGGSNAIGM
FADFINDTSVGLIGVEPGGHGIETGEHGAPLKHGRVGIYFGMKAPMMQTADGQIEESYSISAGLDFPSVGPQHAYLNSIG
RADYVSITDDEALEAFKTLCRHEGIIPALESSHALAHALKMMREQPEKEQLLVVNLSGRGDKDIFTVHDILKARGEI
;
B
#
loop_
_chem_comp.id
_chem_comp.type
_chem_comp.name
_chem_comp.formula
BCN non-polymer BICINE 'C6 H13 N O4'
CL non-polymer 'CHLORIDE ION' 'Cl -1'
CS non-polymer 'CESIUM ION' 'Cs 1'
DMS non-polymer 'DIMETHYL SULFOXIDE' 'C2 H6 O S'
EDO non-polymer 1,2-ETHANEDIOL 'C2 H6 O2'
F9F non-polymer '2-({[4-(TRIFLUOROMETHOXY)PHENYL]SULFONYL}AMINO)ETHYL DIHYDROGEN PHOSPHATE' 'C9 H11 F3 N O7 P S'
PEG non-polymer DI(HYDROXYETHYL)ETHER 'C4 H10 O3'
PLP non-polymer PYRIDOXAL-5'-PHOSPHATE 'C8 H10 N O6 P'
#
# COMPACT_ATOMS: atom_id res chain seq x y z
N MET A 1 -33.29 -7.78 0.28
CA MET A 1 -33.73 -8.96 1.08
C MET A 1 -33.36 -8.74 2.54
N GLU A 2 -33.70 -9.70 3.40
CA GLU A 2 -33.44 -9.58 4.82
C GLU A 2 -32.84 -10.86 5.36
N ARG A 3 -31.83 -11.41 4.67
CA ARG A 3 -31.35 -12.75 5.00
C ARG A 3 -30.66 -12.79 6.36
N TYR A 4 -29.82 -11.79 6.68
CA TYR A 4 -29.19 -11.80 7.99
C TYR A 4 -30.22 -11.60 9.08
N GLU A 5 -31.17 -10.68 8.86
CA GLU A 5 -32.16 -10.38 9.88
C GLU A 5 -32.98 -11.63 10.17
N ASN A 6 -33.35 -12.36 9.11
CA ASN A 6 -34.14 -13.57 9.23
C ASN A 6 -33.33 -14.63 9.94
N LEU A 7 -32.04 -14.79 9.57
CA LEU A 7 -31.20 -15.77 10.23
C LEU A 7 -31.09 -15.47 11.73
N PHE A 8 -30.77 -14.22 12.07
CA PHE A 8 -30.55 -13.90 13.46
C PHE A 8 -31.83 -14.08 14.29
N ALA A 9 -32.99 -13.79 13.67
CA ALA A 9 -34.25 -13.98 14.38
C ALA A 9 -34.47 -15.47 14.66
N GLN A 10 -34.18 -16.32 13.66
CA GLN A 10 -34.35 -17.77 13.80
C GLN A 10 -33.39 -18.33 14.86
N LEU A 11 -32.13 -17.87 14.82
CA LEU A 11 -31.12 -18.33 15.77
C LEU A 11 -31.50 -17.91 17.19
N ASN A 12 -31.99 -16.67 17.34
N ASN A 12 -31.97 -16.67 17.34
CA ASN A 12 -32.38 -16.14 18.64
CA ASN A 12 -32.39 -16.14 18.62
C ASN A 12 -33.53 -16.97 19.21
C ASN A 12 -33.52 -17.00 19.20
N ASP A 13 -34.43 -17.42 18.32
CA ASP A 13 -35.58 -18.24 18.71
C ASP A 13 -35.11 -19.60 19.24
N ARG A 14 -33.93 -20.05 18.78
CA ARG A 14 -33.36 -21.33 19.18
C ARG A 14 -32.28 -21.13 20.24
N ARG A 15 -32.09 -19.88 20.68
CA ARG A 15 -31.08 -19.53 21.69
C ARG A 15 -29.70 -19.98 21.19
N GLU A 16 -29.44 -19.73 19.91
CA GLU A 16 -28.34 -20.36 19.20
C GLU A 16 -27.44 -19.29 18.58
N GLY A 17 -26.14 -19.58 18.51
CA GLY A 17 -25.20 -18.70 17.84
C GLY A 17 -25.02 -19.11 16.38
N ALA A 18 -24.52 -18.16 15.57
CA ALA A 18 -24.21 -18.43 14.18
C ALA A 18 -22.78 -18.96 14.06
N PHE A 19 -22.58 -19.95 13.20
CA PHE A 19 -21.22 -20.29 12.80
C PHE A 19 -21.06 -20.00 11.31
N VAL A 20 -20.04 -19.20 10.99
CA VAL A 20 -19.87 -18.67 9.65
C VAL A 20 -18.45 -18.95 9.16
N PRO A 21 -18.25 -19.92 8.27
CA PRO A 21 -16.94 -20.15 7.68
C PRO A 21 -16.59 -19.17 6.56
N PHE A 22 -15.28 -18.90 6.42
CA PHE A 22 -14.74 -18.17 5.27
C PHE A 22 -13.99 -19.14 4.38
N VAL A 23 -14.19 -19.01 3.06
CA VAL A 23 -13.30 -19.61 2.07
C VAL A 23 -13.05 -18.59 0.96
N THR A 24 -11.96 -18.81 0.22
CA THR A 24 -11.67 -18.08 -1.00
C THR A 24 -12.41 -18.74 -2.15
N LEU A 25 -13.21 -17.95 -2.90
CA LEU A 25 -13.89 -18.47 -4.07
C LEU A 25 -12.87 -18.99 -5.10
N GLY A 26 -13.11 -20.22 -5.54
CA GLY A 26 -12.31 -20.81 -6.61
C GLY A 26 -11.02 -21.45 -6.11
N ASP A 27 -10.85 -21.54 -4.78
CA ASP A 27 -9.73 -22.26 -4.20
C ASP A 27 -10.20 -23.68 -3.87
N PRO A 28 -9.58 -24.77 -4.38
CA PRO A 28 -8.43 -24.72 -5.29
C PRO A 28 -8.74 -24.74 -6.78
N GLY A 29 -10.02 -24.84 -7.11
CA GLY A 29 -10.54 -24.63 -8.45
C GLY A 29 -12.02 -24.32 -8.35
N ILE A 30 -12.64 -23.95 -9.47
CA ILE A 30 -14.05 -23.55 -9.43
C ILE A 30 -14.93 -24.72 -9.00
N GLU A 31 -14.76 -25.88 -9.65
CA GLU A 31 -15.65 -27.01 -9.38
C GLU A 31 -15.48 -27.50 -7.94
N GLN A 32 -14.23 -27.62 -7.49
CA GLN A 32 -13.99 -28.09 -6.13
C GLN A 32 -14.48 -27.06 -5.10
N SER A 33 -14.32 -25.77 -5.41
CA SER A 33 -14.75 -24.71 -4.50
C SER A 33 -16.27 -24.79 -4.31
N LEU A 34 -17.01 -25.01 -5.41
CA LEU A 34 -18.45 -25.19 -5.34
C LEU A 34 -18.82 -26.38 -4.43
N LYS A 35 -18.04 -27.47 -4.52
CA LYS A 35 -18.31 -28.65 -3.71
C LYS A 35 -17.97 -28.36 -2.25
N ILE A 36 -16.87 -27.64 -2.01
CA ILE A 36 -16.48 -27.24 -0.68
C ILE A 36 -17.63 -26.46 -0.03
N ILE A 37 -18.14 -25.47 -0.77
CA ILE A 37 -19.14 -24.57 -0.22
C ILE A 37 -20.43 -25.34 0.08
N ASP A 38 -20.83 -26.24 -0.81
CA ASP A 38 -21.99 -27.08 -0.53
C ASP A 38 -21.76 -27.94 0.72
N THR A 39 -20.52 -28.38 0.92
CA THR A 39 -20.19 -29.20 2.09
C THR A 39 -20.32 -28.37 3.36
N LEU A 40 -19.80 -27.13 3.33
CA LEU A 40 -19.86 -26.24 4.48
C LEU A 40 -21.32 -26.06 4.88
N ILE A 41 -22.19 -25.86 3.88
CA ILE A 41 -23.60 -25.59 4.15
C ILE A 41 -24.27 -26.84 4.73
N ASP A 42 -23.96 -28.00 4.14
CA ASP A 42 -24.62 -29.23 4.55
C ASP A 42 -24.21 -29.59 5.97
N ALA A 43 -22.97 -29.22 6.35
CA ALA A 43 -22.43 -29.53 7.67
C ALA A 43 -22.94 -28.56 8.72
N GLY A 44 -23.61 -27.49 8.30
CA GLY A 44 -24.34 -26.64 9.25
C GLY A 44 -23.89 -25.17 9.31
N ALA A 45 -23.12 -24.71 8.33
CA ALA A 45 -22.82 -23.29 8.23
C ALA A 45 -24.11 -22.48 8.21
N ASP A 46 -24.18 -21.42 9.04
CA ASP A 46 -25.36 -20.58 9.12
C ASP A 46 -25.31 -19.49 8.06
N ALA A 47 -24.10 -19.08 7.69
CA ALA A 47 -23.86 -18.05 6.68
C ALA A 47 -22.47 -18.29 6.09
N LEU A 48 -22.14 -17.59 5.00
CA LEU A 48 -20.83 -17.75 4.40
C LEU A 48 -20.15 -16.38 4.31
N GLU A 49 -18.83 -16.39 4.45
CA GLU A 49 -18.00 -15.26 4.06
C GLU A 49 -17.10 -15.76 2.94
N LEU A 50 -17.15 -15.10 1.78
CA LEU A 50 -16.48 -15.62 0.59
C LEU A 50 -15.54 -14.58 0.01
N GLY A 51 -14.27 -14.97 -0.17
CA GLY A 51 -13.26 -14.06 -0.66
C GLY A 51 -13.16 -14.08 -2.19
N VAL A 52 -13.09 -12.90 -2.81
CA VAL A 52 -12.75 -12.84 -4.23
C VAL A 52 -11.24 -12.73 -4.35
N PRO A 53 -10.54 -13.62 -5.09
CA PRO A 53 -9.08 -13.57 -5.17
C PRO A 53 -8.59 -12.20 -5.63
N PHE A 54 -7.65 -11.65 -4.86
CA PHE A 54 -7.07 -10.34 -5.13
C PHE A 54 -5.55 -10.44 -5.05
N SER A 55 -4.88 -9.64 -5.87
CA SER A 55 -3.43 -9.67 -6.00
C SER A 55 -2.71 -9.28 -4.70
N ASP A 56 -3.36 -8.43 -3.88
CA ASP A 56 -2.67 -7.80 -2.77
C ASP A 56 -3.53 -7.82 -1.49
N PRO A 57 -3.78 -9.00 -0.89
CA PRO A 57 -4.69 -9.12 0.26
C PRO A 57 -4.03 -8.74 1.58
N LEU A 58 -3.97 -7.43 1.86
CA LEU A 58 -3.08 -6.96 2.91
C LEU A 58 -3.67 -7.11 4.31
N ALA A 59 -4.89 -7.66 4.44
CA ALA A 59 -5.42 -7.97 5.78
C ALA A 59 -5.36 -9.47 6.07
N ASP A 60 -4.74 -10.23 5.19
CA ASP A 60 -4.70 -11.69 5.29
C ASP A 60 -3.31 -12.18 5.64
N GLY A 61 -3.26 -13.19 6.53
CA GLY A 61 -2.02 -13.89 6.84
C GLY A 61 -1.73 -14.97 5.79
N PRO A 62 -0.64 -15.73 5.97
CA PRO A 62 -0.17 -16.68 4.96
C PRO A 62 -1.20 -17.70 4.48
N THR A 63 -2.03 -18.21 5.41
CA THR A 63 -2.97 -19.25 5.02
C THR A 63 -3.86 -18.72 3.89
N ILE A 64 -4.42 -17.52 4.09
CA ILE A 64 -5.35 -17.01 3.10
C ILE A 64 -4.62 -16.39 1.90
N GLN A 65 -3.40 -15.86 2.12
CA GLN A 65 -2.54 -15.49 1.00
C GLN A 65 -2.41 -16.66 0.03
N ASN A 66 -2.19 -17.85 0.58
CA ASN A 66 -1.96 -19.03 -0.25
C ASN A 66 -3.25 -19.48 -0.94
N ALA A 67 -4.40 -19.29 -0.28
CA ALA A 67 -5.68 -19.58 -0.90
C ALA A 67 -5.86 -18.71 -2.14
N ASN A 68 -5.56 -17.42 -1.99
CA ASN A 68 -5.64 -16.49 -3.13
C ASN A 68 -4.74 -16.99 -4.26
N LEU A 69 -3.51 -17.41 -3.93
CA LEU A 69 -2.56 -17.87 -4.92
C LEU A 69 -3.09 -19.11 -5.64
N ARG A 70 -3.69 -20.04 -4.87
CA ARG A 70 -4.21 -21.25 -5.48
C ARG A 70 -5.33 -20.91 -6.48
N ALA A 71 -6.20 -19.97 -6.09
CA ALA A 71 -7.31 -19.58 -6.95
C ALA A 71 -6.77 -18.95 -8.24
N PHE A 72 -5.74 -18.11 -8.11
CA PHE A 72 -5.14 -17.49 -9.29
C PHE A 72 -4.48 -18.54 -10.19
N ALA A 73 -3.87 -19.57 -9.58
CA ALA A 73 -3.23 -20.65 -10.33
C ALA A 73 -4.29 -21.36 -11.18
N ALA A 74 -5.55 -21.30 -10.72
CA ALA A 74 -6.67 -21.94 -11.38
C ALA A 74 -7.34 -20.98 -12.36
N GLY A 75 -6.81 -19.76 -12.46
CA GLY A 75 -7.28 -18.76 -13.41
C GLY A 75 -8.55 -18.03 -12.95
N VAL A 76 -8.83 -18.05 -11.65
CA VAL A 76 -10.07 -17.51 -11.11
C VAL A 76 -10.06 -15.99 -11.20
N THR A 77 -11.14 -15.42 -11.75
CA THR A 77 -11.30 -13.99 -11.93
C THR A 77 -12.54 -13.53 -11.17
N PRO A 78 -12.72 -12.22 -10.91
CA PRO A 78 -13.96 -11.74 -10.30
C PRO A 78 -15.22 -12.12 -11.07
N ALA A 79 -15.15 -12.11 -12.42
CA ALA A 79 -16.32 -12.47 -13.19
C ALA A 79 -16.71 -13.92 -12.92
N GLN A 80 -15.71 -14.80 -12.81
CA GLN A 80 -16.01 -16.20 -12.53
C GLN A 80 -16.58 -16.33 -11.12
N CYS A 81 -16.08 -15.51 -10.20
CA CYS A 81 -16.60 -15.51 -8.84
C CYS A 81 -18.09 -15.16 -8.84
N PHE A 82 -18.48 -14.15 -9.64
CA PHE A 82 -19.86 -13.74 -9.69
C PHE A 82 -20.73 -14.85 -10.29
N GLU A 83 -20.19 -15.60 -11.26
CA GLU A 83 -20.90 -16.75 -11.81
C GLU A 83 -21.11 -17.78 -10.71
N MET A 84 -20.07 -18.03 -9.91
CA MET A 84 -20.17 -18.99 -8.82
C MET A 84 -21.23 -18.52 -7.83
N LEU A 85 -21.22 -17.23 -7.51
CA LEU A 85 -22.13 -16.72 -6.49
C LEU A 85 -23.57 -16.89 -6.94
N ALA A 86 -23.84 -16.66 -8.24
CA ALA A 86 -25.20 -16.81 -8.74
C ALA A 86 -25.66 -18.25 -8.54
N LEU A 87 -24.77 -19.20 -8.83
CA LEU A 87 -25.08 -20.61 -8.74
C LEU A 87 -25.30 -21.02 -7.29
N ILE A 88 -24.47 -20.50 -6.37
CA ILE A 88 -24.61 -20.81 -4.96
C ILE A 88 -25.99 -20.35 -4.47
N ARG A 89 -26.36 -19.10 -4.81
CA ARG A 89 -27.63 -18.56 -4.40
C ARG A 89 -28.80 -19.35 -4.97
N GLU A 90 -28.67 -19.81 -6.23
CA GLU A 90 -29.71 -20.56 -6.91
C GLU A 90 -29.97 -21.88 -6.18
N LYS A 91 -28.94 -22.44 -5.54
CA LYS A 91 -29.07 -23.70 -4.83
C LYS A 91 -29.58 -23.49 -3.42
N HIS A 92 -29.25 -22.33 -2.84
CA HIS A 92 -29.39 -22.12 -1.41
C HIS A 92 -30.05 -20.77 -1.18
N PRO A 93 -31.39 -20.70 -1.11
CA PRO A 93 -32.07 -19.40 -1.16
C PRO A 93 -31.97 -18.50 0.07
N THR A 94 -31.69 -19.09 1.24
CA THR A 94 -31.85 -18.31 2.46
C THR A 94 -30.53 -18.02 3.15
N ILE A 95 -29.49 -18.82 2.89
CA ILE A 95 -28.23 -18.65 3.60
C ILE A 95 -27.65 -17.27 3.31
N PRO A 96 -27.32 -16.45 4.33
CA PRO A 96 -26.64 -15.18 4.07
C PRO A 96 -25.26 -15.39 3.47
N ILE A 97 -24.98 -14.60 2.42
CA ILE A 97 -23.72 -14.66 1.71
C ILE A 97 -23.04 -13.30 1.81
N GLY A 98 -21.86 -13.30 2.41
CA GLY A 98 -21.09 -12.07 2.53
C GLY A 98 -19.80 -12.19 1.71
N LEU A 99 -19.40 -11.12 1.03
CA LEU A 99 -18.13 -11.13 0.32
C LEU A 99 -17.08 -10.41 1.15
N LEU A 100 -15.85 -10.93 1.07
CA LEU A 100 -14.67 -10.24 1.58
C LEU A 100 -13.93 -9.67 0.37
N MET A 101 -13.94 -8.33 0.25
CA MET A 101 -13.41 -7.65 -0.91
C MET A 101 -12.24 -6.75 -0.49
N TYR A 102 -11.36 -6.48 -1.45
CA TYR A 102 -10.43 -5.36 -1.33
C TYR A 102 -10.92 -4.23 -2.22
N ALA A 103 -10.60 -3.01 -1.80
CA ALA A 103 -11.20 -1.80 -2.36
C ALA A 103 -11.04 -1.73 -3.88
N ASN A 104 -9.87 -2.11 -4.41
CA ASN A 104 -9.68 -1.88 -5.83
C ASN A 104 -10.66 -2.69 -6.66
N LEU A 105 -11.03 -3.88 -6.19
CA LEU A 105 -11.95 -4.71 -6.96
C LEU A 105 -13.37 -4.15 -6.95
N VAL A 106 -13.69 -3.34 -5.93
CA VAL A 106 -15.01 -2.74 -5.83
C VAL A 106 -15.02 -1.43 -6.62
N PHE A 107 -13.91 -0.70 -6.54
CA PHE A 107 -13.82 0.64 -7.10
C PHE A 107 -13.53 0.62 -8.61
N ASN A 108 -12.55 -0.19 -9.05
N ASN A 108 -12.96 -0.52 -9.04
CA ASN A 108 -11.77 0.18 -10.22
CA ASN A 108 -12.63 -0.81 -10.43
C ASN A 108 -12.64 0.47 -11.44
C ASN A 108 -13.87 -0.72 -11.29
N ASN A 109 -13.80 -0.20 -11.55
N ASN A 109 -13.82 0.19 -12.26
CA ASN A 109 -14.65 -0.10 -12.73
CA ASN A 109 -14.93 0.39 -13.17
C ASN A 109 -15.99 0.59 -12.43
C ASN A 109 -16.24 0.49 -12.41
N GLY A 110 -16.20 0.97 -11.16
CA GLY A 110 -17.37 1.68 -10.67
C GLY A 110 -18.00 1.05 -9.43
N ILE A 111 -18.05 1.83 -8.34
CA ILE A 111 -18.55 1.34 -7.06
C ILE A 111 -20.02 0.92 -7.20
N ASP A 112 -20.84 1.79 -7.81
N ASP A 112 -20.84 1.79 -7.78
CA ASP A 112 -22.25 1.50 -7.93
CA ASP A 112 -22.27 1.50 -7.96
C ASP A 112 -22.47 0.20 -8.72
C ASP A 112 -22.44 0.18 -8.71
N ALA A 113 -21.72 0.05 -9.82
CA ALA A 113 -21.85 -1.12 -10.68
C ALA A 113 -21.49 -2.40 -9.91
N PHE A 114 -20.47 -2.32 -9.03
CA PHE A 114 -20.08 -3.48 -8.24
C PHE A 114 -21.23 -3.93 -7.33
N TYR A 115 -21.82 -2.98 -6.60
CA TYR A 115 -22.90 -3.34 -5.69
C TYR A 115 -24.13 -3.80 -6.45
N ALA A 116 -24.36 -3.25 -7.65
CA ALA A 116 -25.48 -3.70 -8.46
C ALA A 116 -25.31 -5.16 -8.85
N ARG A 117 -24.06 -5.57 -9.15
N ARG A 117 -24.06 -5.55 -9.17
CA ARG A 117 -23.81 -6.95 -9.55
CA ARG A 117 -23.75 -6.93 -9.53
C ARG A 117 -23.99 -7.87 -8.33
C ARG A 117 -24.02 -7.84 -8.33
N CYS A 118 -23.60 -7.39 -7.14
CA CYS A 118 -23.84 -8.15 -5.92
C CYS A 118 -25.33 -8.38 -5.73
N GLU A 119 -26.13 -7.34 -5.97
CA GLU A 119 -27.57 -7.47 -5.80
C GLU A 119 -28.13 -8.47 -6.80
N GLN A 120 -27.63 -8.40 -8.04
CA GLN A 120 -28.14 -9.26 -9.10
C GLN A 120 -27.92 -10.74 -8.79
N VAL A 121 -26.78 -11.08 -8.17
CA VAL A 121 -26.46 -12.49 -7.92
C VAL A 121 -26.99 -12.93 -6.56
N GLY A 122 -27.45 -11.99 -5.73
CA GLY A 122 -28.09 -12.35 -4.47
C GLY A 122 -27.13 -12.40 -3.28
N VAL A 123 -26.02 -11.65 -3.35
CA VAL A 123 -25.13 -11.43 -2.22
C VAL A 123 -25.88 -10.59 -1.18
N ASP A 124 -25.57 -10.79 0.11
CA ASP A 124 -26.24 -10.08 1.20
C ASP A 124 -25.38 -8.98 1.81
N SER A 125 -24.06 -9.18 1.85
CA SER A 125 -23.19 -8.19 2.48
C SER A 125 -21.85 -8.14 1.75
N VAL A 126 -21.16 -7.01 1.95
CA VAL A 126 -19.81 -6.81 1.44
C VAL A 126 -19.01 -6.13 2.54
N LEU A 127 -17.86 -6.74 2.85
CA LEU A 127 -16.88 -6.20 3.77
C LEU A 127 -15.68 -5.81 2.92
N VAL A 128 -15.36 -4.51 2.88
CA VAL A 128 -14.21 -4.07 2.11
C VAL A 128 -13.07 -3.86 3.10
N ALA A 129 -12.06 -4.74 3.02
CA ALA A 129 -11.13 -4.94 4.12
C ALA A 129 -10.25 -3.71 4.34
N ASP A 130 -9.96 -2.96 3.27
CA ASP A 130 -9.04 -1.84 3.31
C ASP A 130 -9.77 -0.49 3.17
N VAL A 131 -11.07 -0.48 3.52
CA VAL A 131 -11.82 0.76 3.59
C VAL A 131 -12.29 0.95 5.02
N PRO A 132 -11.63 1.85 5.80
CA PRO A 132 -12.05 2.09 7.18
C PRO A 132 -13.32 2.96 7.16
N VAL A 133 -13.99 3.06 8.31
CA VAL A 133 -15.23 3.83 8.34
C VAL A 133 -14.99 5.23 7.79
N GLU A 134 -13.80 5.78 8.05
CA GLU A 134 -13.45 7.14 7.66
C GLU A 134 -13.55 7.34 6.14
N GLU A 135 -13.34 6.28 5.36
CA GLU A 135 -13.33 6.39 3.91
C GLU A 135 -14.54 5.72 3.29
N SER A 136 -15.51 5.34 4.14
CA SER A 136 -16.51 4.38 3.71
C SER A 136 -17.69 4.97 2.95
N ALA A 137 -17.89 6.30 3.00
CA ALA A 137 -19.14 6.88 2.54
C ALA A 137 -19.61 6.35 1.19
N PRO A 138 -18.82 6.44 0.09
CA PRO A 138 -19.35 6.01 -1.21
C PRO A 138 -19.66 4.52 -1.27
N PHE A 139 -18.95 3.72 -0.47
CA PHE A 139 -19.14 2.28 -0.42
C PHE A 139 -20.45 1.94 0.29
N ARG A 140 -20.65 2.49 1.48
CA ARG A 140 -21.87 2.17 2.22
C ARG A 140 -23.10 2.72 1.51
N GLN A 141 -22.99 3.89 0.87
CA GLN A 141 -24.12 4.46 0.17
C GLN A 141 -24.51 3.58 -1.02
N ALA A 142 -23.52 3.16 -1.81
CA ALA A 142 -23.81 2.26 -2.91
C ALA A 142 -24.36 0.92 -2.41
N ALA A 143 -23.80 0.40 -1.31
CA ALA A 143 -24.30 -0.85 -0.76
C ALA A 143 -25.79 -0.74 -0.48
N LEU A 144 -26.17 0.30 0.26
CA LEU A 144 -27.55 0.41 0.71
C LEU A 144 -28.49 0.66 -0.47
N ARG A 145 -28.03 1.39 -1.50
CA ARG A 145 -28.85 1.60 -2.68
C ARG A 145 -29.17 0.27 -3.38
N HIS A 146 -28.34 -0.75 -3.17
CA HIS A 146 -28.53 -2.01 -3.88
C HIS A 146 -28.90 -3.14 -2.90
N ASN A 147 -29.41 -2.77 -1.71
CA ASN A 147 -29.91 -3.72 -0.74
C ASN A 147 -28.81 -4.68 -0.28
N ILE A 148 -27.58 -4.17 -0.23
CA ILE A 148 -26.42 -4.90 0.28
C ILE A 148 -26.05 -4.29 1.63
N ALA A 149 -25.79 -5.15 2.62
CA ALA A 149 -25.32 -4.69 3.92
C ALA A 149 -23.83 -4.37 3.82
N PRO A 150 -23.40 -3.14 4.14
CA PRO A 150 -21.96 -2.86 4.25
C PRO A 150 -21.53 -3.29 5.66
N ILE A 151 -20.48 -4.13 5.72
CA ILE A 151 -19.98 -4.62 7.01
C ILE A 151 -18.81 -3.75 7.47
N PHE A 152 -18.84 -3.36 8.75
CA PHE A 152 -17.74 -2.63 9.34
C PHE A 152 -17.12 -3.39 10.50
N ILE A 153 -15.86 -3.01 10.77
CA ILE A 153 -14.98 -3.71 11.67
C ILE A 153 -14.91 -2.91 12.95
N CYS A 154 -15.16 -3.61 14.06
CA CYS A 154 -14.98 -3.05 15.38
C CYS A 154 -13.70 -3.66 15.96
N PRO A 155 -12.58 -2.90 16.02
CA PRO A 155 -11.36 -3.41 16.65
C PRO A 155 -11.57 -3.55 18.14
N PRO A 156 -10.79 -4.42 18.82
CA PRO A 156 -11.02 -4.73 20.24
C PRO A 156 -11.00 -3.53 21.18
N ASN A 157 -10.27 -2.48 20.79
CA ASN A 157 -10.10 -1.30 21.65
C ASN A 157 -10.74 -0.08 20.99
N ALA A 158 -11.82 -0.31 20.22
CA ALA A 158 -12.57 0.77 19.61
C ALA A 158 -13.04 1.75 20.68
N ASP A 159 -12.87 3.05 20.39
CA ASP A 159 -13.38 4.08 21.29
C ASP A 159 -14.87 4.29 21.01
N ASP A 160 -15.49 5.16 21.83
CA ASP A 160 -16.93 5.35 21.80
C ASP A 160 -17.38 5.88 20.44
N ASP A 161 -16.63 6.84 19.88
CA ASP A 161 -16.96 7.47 18.62
C ASP A 161 -16.97 6.42 17.51
N LEU A 162 -15.99 5.51 17.54
CA LEU A 162 -15.90 4.49 16.51
C LEU A 162 -17.05 3.51 16.66
N LEU A 163 -17.38 3.15 17.92
CA LEU A 163 -18.46 2.21 18.15
C LEU A 163 -19.78 2.78 17.62
N ARG A 164 -19.99 4.09 17.84
CA ARG A 164 -21.20 4.75 17.40
C ARG A 164 -21.26 4.77 15.87
N GLN A 165 -20.11 4.98 15.23
CA GLN A 165 -20.04 5.03 13.78
C GLN A 165 -20.32 3.64 13.21
N VAL A 166 -19.66 2.62 13.77
CA VAL A 166 -19.84 1.28 13.26
C VAL A 166 -21.30 0.86 13.45
N ALA A 167 -21.88 1.21 14.60
CA ALA A 167 -23.27 0.87 14.88
C ALA A 167 -24.20 1.53 13.87
N SER A 168 -23.92 2.80 13.55
CA SER A 168 -24.79 3.57 12.67
C SER A 168 -24.61 3.15 11.20
N TYR A 169 -23.37 2.88 10.79
CA TYR A 169 -23.07 2.74 9.38
C TYR A 169 -23.27 1.30 8.88
N GLY A 170 -23.04 0.33 9.76
CA GLY A 170 -23.07 -1.07 9.37
C GLY A 170 -24.50 -1.61 9.30
N ARG A 171 -24.65 -2.75 8.62
CA ARG A 171 -25.90 -3.47 8.59
C ARG A 171 -25.58 -4.95 8.50
N GLY A 172 -26.57 -5.80 8.78
CA GLY A 172 -26.42 -7.24 8.60
C GLY A 172 -25.76 -7.87 9.82
N TYR A 173 -24.45 -7.66 9.96
CA TYR A 173 -23.77 -7.99 11.21
C TYR A 173 -22.64 -6.99 11.42
N THR A 174 -22.19 -6.90 12.68
CA THR A 174 -21.02 -6.10 13.03
C THR A 174 -19.85 -7.05 13.16
N TYR A 175 -18.73 -6.74 12.49
CA TYR A 175 -17.57 -7.61 12.58
C TYR A 175 -16.77 -7.23 13.81
N LEU A 176 -16.65 -8.18 14.75
CA LEU A 176 -15.90 -7.87 15.94
C LEU A 176 -14.54 -8.56 15.85
N LEU A 177 -13.48 -7.76 15.67
CA LEU A 177 -12.11 -8.28 15.60
C LEU A 177 -11.71 -8.83 16.96
N SER A 178 -11.13 -10.03 16.95
N SER A 178 -11.15 -10.04 16.96
CA SER A 178 -10.66 -10.69 18.15
CA SER A 178 -10.65 -10.68 18.16
C SER A 178 -9.34 -10.07 18.64
C SER A 178 -9.38 -9.98 18.66
N ARG A 179 -8.61 -9.43 17.72
CA ARG A 179 -7.26 -8.93 18.01
C ARG A 179 -6.81 -8.05 16.84
N SER A 180 -5.67 -7.36 17.04
CA SER A 180 -4.96 -6.70 15.96
C SER A 180 -4.26 -7.75 15.09
N GLY A 181 -3.57 -7.28 14.06
CA GLY A 181 -2.88 -8.18 13.13
C GLY A 181 -3.76 -8.58 11.96
N VAL A 182 -3.40 -9.71 11.32
CA VAL A 182 -4.05 -10.19 10.12
C VAL A 182 -4.69 -11.54 10.39
N THR A 183 -5.46 -12.05 9.40
CA THR A 183 -6.13 -13.34 9.55
C THR A 183 -5.08 -14.41 9.82
N GLY A 184 -5.46 -15.44 10.61
CA GLY A 184 -4.57 -16.55 10.85
C GLY A 184 -4.98 -17.36 12.07
N ALA A 185 -5.02 -18.68 11.89
CA ALA A 185 -5.41 -19.61 12.95
C ALA A 185 -4.29 -19.75 13.96
N GLU A 186 -3.08 -19.31 13.60
CA GLU A 186 -1.89 -19.53 14.40
C GLU A 186 -1.76 -18.46 15.50
N ASN A 187 -2.70 -17.51 15.50
CA ASN A 187 -2.72 -16.41 16.45
C ASN A 187 -4.14 -16.27 17.00
N ARG A 188 -4.32 -16.64 18.27
CA ARG A 188 -5.63 -16.67 18.89
C ARG A 188 -5.92 -15.29 19.48
N GLY A 189 -7.13 -14.79 19.23
CA GLY A 189 -7.52 -13.50 19.76
C GLY A 189 -8.00 -13.61 21.20
N ALA A 190 -8.70 -12.57 21.66
CA ALA A 190 -9.19 -12.50 23.03
C ALA A 190 -10.70 -12.77 23.03
N LEU A 191 -11.24 -12.96 24.24
CA LEU A 191 -12.68 -12.97 24.43
C LEU A 191 -13.22 -11.58 24.09
N PRO A 192 -14.44 -11.48 23.50
CA PRO A 192 -15.05 -10.18 23.24
C PRO A 192 -15.21 -9.44 24.57
N LEU A 193 -14.66 -8.23 24.62
CA LEU A 193 -14.81 -7.40 25.81
C LEU A 193 -16.31 -7.12 26.00
N HIS A 194 -16.79 -7.43 27.21
CA HIS A 194 -18.18 -7.22 27.59
C HIS A 194 -18.61 -5.81 27.17
N HIS A 195 -17.70 -4.85 27.34
CA HIS A 195 -17.97 -3.44 27.09
C HIS A 195 -18.32 -3.20 25.62
N LEU A 196 -17.54 -3.78 24.70
CA LEU A 196 -17.78 -3.56 23.28
C LEU A 196 -19.13 -4.15 22.90
N ILE A 197 -19.36 -5.42 23.29
CA ILE A 197 -20.58 -6.13 22.92
C ILE A 197 -21.79 -5.38 23.46
N GLU A 198 -21.68 -4.90 24.71
CA GLU A 198 -22.76 -4.20 25.38
C GLU A 198 -22.99 -2.82 24.76
N LYS A 199 -21.90 -2.10 24.47
CA LYS A 199 -21.98 -0.80 23.82
C LYS A 199 -22.61 -0.94 22.44
N LEU A 200 -22.22 -1.97 21.69
CA LEU A 200 -22.80 -2.16 20.36
C LEU A 200 -24.30 -2.38 20.47
N LYS A 201 -24.73 -3.13 21.50
CA LYS A 201 -26.14 -3.37 21.72
C LYS A 201 -26.84 -2.09 22.13
N GLU A 202 -26.17 -1.28 22.96
CA GLU A 202 -26.72 -0.01 23.40
C GLU A 202 -26.98 0.91 22.21
N TYR A 203 -26.11 0.84 21.20
CA TYR A 203 -26.17 1.72 20.04
C TYR A 203 -26.98 1.09 18.90
N HIS A 204 -27.64 -0.04 19.19
CA HIS A 204 -28.51 -0.74 18.25
C HIS A 204 -27.74 -1.17 17.00
N ALA A 205 -26.50 -1.64 17.19
CA ALA A 205 -25.69 -2.17 16.11
C ALA A 205 -26.28 -3.46 15.57
N ALA A 206 -25.94 -3.77 14.32
CA ALA A 206 -26.19 -5.08 13.77
C ALA A 206 -25.54 -6.12 14.69
N PRO A 207 -26.13 -7.33 14.83
CA PRO A 207 -25.58 -8.34 15.74
C PRO A 207 -24.12 -8.63 15.46
N ALA A 208 -23.32 -8.87 16.51
CA ALA A 208 -21.87 -9.03 16.36
C ALA A 208 -21.49 -10.46 16.02
N LEU A 209 -20.60 -10.61 15.02
CA LEU A 209 -19.90 -11.86 14.78
C LEU A 209 -18.42 -11.66 15.11
N GLN A 210 -17.87 -12.54 15.96
CA GLN A 210 -16.45 -12.44 16.28
C GLN A 210 -15.62 -13.19 15.25
N GLY A 211 -14.53 -12.55 14.81
CA GLY A 211 -13.64 -13.17 13.83
C GLY A 211 -12.17 -12.78 14.04
N PHE A 212 -11.29 -13.59 13.42
CA PHE A 212 -9.83 -13.62 13.55
C PHE A 212 -9.43 -14.62 14.61
N GLY A 213 -8.70 -15.66 14.18
CA GLY A 213 -8.09 -16.62 15.08
C GLY A 213 -9.05 -17.65 15.67
N ILE A 214 -10.32 -17.68 15.24
CA ILE A 214 -11.27 -18.65 15.75
C ILE A 214 -11.03 -19.98 15.04
N SER A 215 -10.59 -21.01 15.79
CA SER A 215 -10.17 -22.27 15.16
C SER A 215 -10.65 -23.51 15.91
N SER A 216 -11.35 -23.31 17.03
CA SER A 216 -11.76 -24.44 17.87
C SER A 216 -13.21 -24.27 18.32
N PRO A 217 -13.95 -25.38 18.55
CA PRO A 217 -15.32 -25.30 19.04
C PRO A 217 -15.47 -24.47 20.32
N GLU A 218 -14.50 -24.60 21.23
CA GLU A 218 -14.54 -23.91 22.50
C GLU A 218 -14.60 -22.39 22.28
N GLN A 219 -13.93 -21.91 21.22
CA GLN A 219 -13.90 -20.48 20.96
C GLN A 219 -15.26 -19.99 20.47
N VAL A 220 -15.96 -20.85 19.71
CA VAL A 220 -17.27 -20.52 19.20
C VAL A 220 -18.24 -20.39 20.38
N SER A 221 -18.22 -21.38 21.28
N SER A 221 -18.21 -21.40 21.26
CA SER A 221 -19.06 -21.38 22.46
CA SER A 221 -19.03 -21.38 22.46
C SER A 221 -18.76 -20.15 23.33
C SER A 221 -18.75 -20.14 23.29
N ALA A 222 -17.47 -19.82 23.46
CA ALA A 222 -17.05 -18.68 24.28
C ALA A 222 -17.54 -17.36 23.68
N ALA A 223 -17.52 -17.25 22.34
CA ALA A 223 -17.90 -16.01 21.69
C ALA A 223 -19.37 -15.71 21.94
N VAL A 224 -20.21 -16.75 21.84
CA VAL A 224 -21.65 -16.66 22.00
C VAL A 224 -21.97 -16.36 23.47
N ARG A 225 -21.25 -17.03 24.38
CA ARG A 225 -21.46 -16.81 25.80
C ARG A 225 -21.17 -15.35 26.17
N ALA A 226 -20.20 -14.73 25.50
CA ALA A 226 -19.80 -13.36 25.79
C ALA A 226 -20.84 -12.36 25.26
N GLY A 227 -21.78 -12.84 24.46
CA GLY A 227 -22.87 -12.01 23.97
C GLY A 227 -22.78 -11.71 22.47
N ALA A 228 -21.79 -12.30 21.79
CA ALA A 228 -21.77 -12.18 20.34
C ALA A 228 -22.86 -13.09 19.77
N ALA A 229 -23.35 -12.75 18.57
CA ALA A 229 -24.39 -13.53 17.93
C ALA A 229 -23.79 -14.75 17.23
N GLY A 230 -22.45 -14.80 17.16
CA GLY A 230 -21.82 -15.92 16.49
C GLY A 230 -20.34 -15.67 16.23
N ALA A 231 -19.73 -16.56 15.43
CA ALA A 231 -18.29 -16.52 15.21
C ALA A 231 -17.98 -16.89 13.75
N ILE A 232 -16.92 -16.26 13.22
CA ILE A 232 -16.40 -16.52 11.87
C ILE A 232 -15.07 -17.24 11.98
N SER A 233 -14.86 -18.26 11.12
CA SER A 233 -13.61 -19.00 11.06
C SER A 233 -13.16 -19.13 9.62
N GLY A 234 -11.92 -18.73 9.31
CA GLY A 234 -11.44 -18.78 7.94
C GLY A 234 -10.21 -19.66 7.78
N SER A 235 -9.09 -19.21 8.35
CA SER A 235 -7.83 -19.93 8.21
C SER A 235 -7.99 -21.40 8.59
N ALA A 236 -8.74 -21.70 9.66
CA ALA A 236 -8.91 -23.08 10.10
C ALA A 236 -9.56 -23.92 9.01
N ILE A 237 -10.51 -23.32 8.28
CA ILE A 237 -11.22 -24.00 7.21
C ILE A 237 -10.27 -24.15 6.02
N VAL A 238 -9.58 -23.05 5.68
CA VAL A 238 -8.70 -23.03 4.52
C VAL A 238 -7.52 -23.99 4.71
N LYS A 239 -7.06 -24.13 5.96
CA LYS A 239 -5.98 -25.07 6.26
C LYS A 239 -6.37 -26.50 5.87
N ILE A 240 -7.66 -26.86 6.01
CA ILE A 240 -8.13 -28.20 5.68
C ILE A 240 -8.08 -28.40 4.16
N ILE A 241 -8.39 -27.34 3.41
CA ILE A 241 -8.25 -27.36 1.96
C ILE A 241 -6.78 -27.61 1.62
N GLU A 242 -5.89 -26.75 2.17
CA GLU A 242 -4.48 -26.78 1.88
C GLU A 242 -3.88 -28.15 2.18
N LYS A 243 -4.31 -28.75 3.30
CA LYS A 243 -3.78 -30.01 3.79
C LYS A 243 -4.17 -31.17 2.87
N ASN A 244 -5.29 -31.02 2.15
CA ASN A 244 -5.92 -32.15 1.48
C ASN A 244 -6.03 -31.91 -0.02
N LEU A 245 -5.13 -31.08 -0.58
CA LEU A 245 -5.24 -30.74 -2.00
C LEU A 245 -5.24 -31.99 -2.87
N ALA A 246 -4.45 -33.00 -2.50
CA ALA A 246 -4.27 -34.20 -3.31
C ALA A 246 -5.37 -35.22 -3.05
N SER A 247 -6.24 -34.94 -2.08
CA SER A 247 -7.26 -35.87 -1.66
C SER A 247 -8.62 -35.17 -1.58
N PRO A 248 -9.25 -34.83 -2.73
CA PRO A 248 -10.50 -34.06 -2.71
C PRO A 248 -11.64 -34.66 -1.89
N LYS A 249 -11.75 -36.00 -1.89
CA LYS A 249 -12.78 -36.70 -1.12
C LYS A 249 -12.53 -36.51 0.38
N GLN A 250 -11.29 -36.74 0.83
CA GLN A 250 -10.92 -36.56 2.22
C GLN A 250 -11.09 -35.10 2.64
N MET A 251 -10.76 -34.19 1.72
CA MET A 251 -10.91 -32.76 2.00
C MET A 251 -12.35 -32.48 2.44
N LEU A 252 -13.32 -33.00 1.68
CA LEU A 252 -14.72 -32.74 1.96
C LEU A 252 -15.12 -33.38 3.30
N ALA A 253 -14.64 -34.60 3.54
CA ALA A 253 -14.96 -35.30 4.78
C ALA A 253 -14.44 -34.53 5.99
N GLU A 254 -13.20 -34.02 5.88
CA GLU A 254 -12.60 -33.28 6.99
C GLU A 254 -13.31 -31.93 7.18
N LEU A 255 -13.69 -31.28 6.08
CA LEU A 255 -14.41 -30.01 6.21
C LEU A 255 -15.74 -30.27 6.90
N ARG A 256 -16.41 -31.37 6.53
CA ARG A 256 -17.69 -31.70 7.14
C ARG A 256 -17.53 -31.91 8.64
N SER A 257 -16.53 -32.71 9.04
CA SER A 257 -16.29 -33.02 10.43
C SER A 257 -16.04 -31.73 11.21
N PHE A 258 -15.21 -30.85 10.63
CA PHE A 258 -14.80 -29.64 11.33
C PHE A 258 -15.98 -28.69 11.51
N VAL A 259 -16.71 -28.43 10.42
CA VAL A 259 -17.82 -27.50 10.42
C VAL A 259 -18.91 -28.01 11.37
N SER A 260 -19.19 -29.32 11.32
CA SER A 260 -20.18 -29.92 12.20
C SER A 260 -19.82 -29.65 13.66
N ALA A 261 -18.54 -29.79 13.99
CA ALA A 261 -18.07 -29.63 15.36
C ALA A 261 -18.17 -28.17 15.79
N MET A 262 -17.82 -27.27 14.85
CA MET A 262 -17.85 -25.85 15.13
C MET A 262 -19.31 -25.39 15.29
N LYS A 263 -20.19 -25.89 14.42
CA LYS A 263 -21.60 -25.55 14.53
C LYS A 263 -22.20 -26.08 15.83
N ALA A 264 -21.86 -27.31 16.21
CA ALA A 264 -22.41 -27.91 17.42
C ALA A 264 -22.13 -27.01 18.63
N ALA A 265 -20.96 -26.37 18.64
CA ALA A 265 -20.53 -25.53 19.75
C ALA A 265 -21.40 -24.29 19.90
N SER A 266 -22.16 -23.93 18.85
CA SER A 266 -22.92 -22.69 18.86
C SER A 266 -24.32 -22.91 19.45
N ARG A 267 -24.69 -24.17 19.67
CA ARG A 267 -26.05 -24.51 20.09
C ARG A 267 -26.18 -24.36 21.60
N ALA A 268 -27.33 -23.85 22.04
CA ALA A 268 -27.61 -23.63 23.46
C ALA A 268 -27.63 -24.96 24.21
N THR B 2 -11.47 11.30 11.29
CA THR B 2 -11.05 12.69 11.68
C THR B 2 -9.53 12.81 11.63
N THR B 3 -9.03 13.89 11.03
CA THR B 3 -7.59 14.11 10.94
C THR B 3 -7.27 15.58 11.18
N LEU B 4 -5.99 15.87 11.46
CA LEU B 4 -5.53 17.23 11.70
C LEU B 4 -5.22 17.92 10.38
N LEU B 5 -4.78 17.13 9.38
CA LEU B 5 -4.38 17.65 8.09
C LEU B 5 -5.25 17.01 7.01
N ASN B 6 -5.27 17.63 5.83
CA ASN B 6 -6.04 17.10 4.72
C ASN B 6 -5.37 15.83 4.19
N PRO B 7 -6.04 14.65 4.22
CA PRO B 7 -5.45 13.42 3.70
C PRO B 7 -5.44 13.33 2.18
N TYR B 8 -6.10 14.30 1.52
CA TYR B 8 -6.29 14.24 0.09
C TYR B 8 -5.58 15.39 -0.62
N PHE B 9 -5.21 15.10 -1.88
CA PHE B 9 -4.76 16.09 -2.86
C PHE B 9 -5.78 16.04 -3.98
N GLY B 10 -6.76 16.94 -3.97
CA GLY B 10 -7.90 16.75 -4.85
C GLY B 10 -8.55 15.41 -4.55
N GLU B 11 -8.72 14.57 -5.59
CA GLU B 11 -9.38 13.28 -5.44
C GLU B 11 -8.41 12.20 -4.96
N PHE B 12 -7.11 12.50 -4.95
CA PHE B 12 -6.11 11.47 -4.75
C PHE B 12 -5.62 11.44 -3.31
N GLY B 13 -5.29 10.23 -2.83
CA GLY B 13 -4.71 10.07 -1.50
C GLY B 13 -5.63 9.26 -0.59
N GLY B 14 -5.86 9.79 0.62
CA GLY B 14 -6.73 9.10 1.56
C GLY B 14 -5.98 8.14 2.48
N MET B 15 -6.78 7.35 3.20
CA MET B 15 -6.28 6.45 4.23
C MET B 15 -6.98 5.11 4.06
N TYR B 16 -6.66 4.41 2.96
CA TYR B 16 -7.34 3.15 2.64
C TYR B 16 -6.60 1.98 3.28
N VAL B 17 -6.69 1.93 4.62
CA VAL B 17 -6.08 0.85 5.38
C VAL B 17 -7.18 0.15 6.16
N PRO B 18 -6.97 -1.12 6.58
CA PRO B 18 -7.88 -1.77 7.52
C PRO B 18 -8.09 -0.90 8.76
N GLN B 19 -9.30 -0.99 9.31
CA GLN B 19 -9.70 -0.20 10.48
C GLN B 19 -8.65 -0.28 11.59
N ILE B 20 -8.05 -1.46 11.77
CA ILE B 20 -7.10 -1.69 12.84
C ILE B 20 -5.90 -0.74 12.77
N LEU B 21 -5.57 -0.24 11.56
CA LEU B 21 -4.38 0.61 11.39
C LEU B 21 -4.69 2.10 11.53
N MET B 22 -5.98 2.46 11.61
CA MET B 22 -6.29 3.89 11.66
C MET B 22 -5.69 4.57 12.89
N PRO B 23 -5.74 3.99 14.12
CA PRO B 23 -5.08 4.65 15.26
C PRO B 23 -3.59 4.90 15.04
N ALA B 24 -2.91 3.96 14.36
CA ALA B 24 -1.49 4.13 14.08
C ALA B 24 -1.27 5.34 13.17
N LEU B 25 -2.12 5.47 12.13
CA LEU B 25 -1.97 6.62 11.24
C LEU B 25 -2.31 7.92 11.96
N ASN B 26 -3.35 7.92 12.79
CA ASN B 26 -3.73 9.12 13.53
C ASN B 26 -2.61 9.51 14.49
N GLN B 27 -2.03 8.51 15.18
CA GLN B 27 -0.96 8.76 16.14
C GLN B 27 0.23 9.39 15.42
N LEU B 28 0.54 8.86 14.22
CA LEU B 28 1.69 9.35 13.48
C LEU B 28 1.44 10.78 13.02
N GLU B 29 0.23 11.04 12.52
CA GLU B 29 -0.09 12.39 12.08
C GLU B 29 0.05 13.38 13.25
N GLU B 30 -0.46 13.03 14.43
N GLU B 30 -0.45 13.00 14.43
CA GLU B 30 -0.39 13.96 15.55
CA GLU B 30 -0.43 13.83 15.62
C GLU B 30 1.07 14.22 15.91
C GLU B 30 1.01 14.16 16.02
N ALA B 31 1.89 13.15 15.94
CA ALA B 31 3.29 13.29 16.31
C ALA B 31 4.03 14.18 15.30
N PHE B 32 3.69 14.01 14.01
CA PHE B 32 4.26 14.83 12.96
C PHE B 32 3.89 16.30 13.14
N VAL B 33 2.60 16.57 13.34
CA VAL B 33 2.15 17.95 13.49
C VAL B 33 2.87 18.57 14.69
N SER B 34 2.99 17.80 15.77
CA SER B 34 3.66 18.29 16.97
C SER B 34 5.15 18.58 16.70
N ALA B 35 5.81 17.63 16.04
CA ALA B 35 7.22 17.76 15.70
C ALA B 35 7.48 18.99 14.84
N GLN B 36 6.58 19.27 13.89
CA GLN B 36 6.78 20.36 12.96
C GLN B 36 6.76 21.71 13.68
N LYS B 37 6.10 21.79 14.85
CA LYS B 37 6.03 23.01 15.63
C LYS B 37 7.11 23.06 16.72
N ASP B 38 7.94 22.02 16.80
CA ASP B 38 8.84 21.85 17.93
C ASP B 38 10.25 22.28 17.51
N PRO B 39 10.76 23.44 17.97
CA PRO B 39 12.08 23.90 17.54
C PRO B 39 13.20 22.92 17.88
N GLU B 40 13.03 22.15 18.96
CA GLU B 40 14.05 21.19 19.38
C GLU B 40 14.12 20.04 18.38
N PHE B 41 12.95 19.55 17.95
CA PHE B 41 12.92 18.52 16.93
C PHE B 41 13.58 19.03 15.65
N GLN B 42 13.21 20.24 15.24
CA GLN B 42 13.73 20.79 14.01
C GLN B 42 15.24 20.92 14.09
N ALA B 43 15.75 21.37 15.25
CA ALA B 43 17.18 21.55 15.42
C ALA B 43 17.93 20.22 15.39
N GLN B 44 17.34 19.16 15.98
N GLN B 44 17.34 19.18 16.01
CA GLN B 44 17.96 17.85 15.98
CA GLN B 44 17.93 17.84 16.00
C GLN B 44 18.00 17.28 14.57
C GLN B 44 18.01 17.34 14.56
N PHE B 45 16.90 17.47 13.82
CA PHE B 45 16.83 17.04 12.43
C PHE B 45 17.86 17.79 11.58
N ALA B 46 17.91 19.12 11.71
CA ALA B 46 18.88 19.92 10.98
C ALA B 46 20.32 19.51 11.29
N ASP B 47 20.59 19.18 12.56
CA ASP B 47 21.94 18.81 12.98
C ASP B 47 22.36 17.50 12.30
N LEU B 48 21.44 16.50 12.28
CA LEU B 48 21.75 15.25 11.62
C LEU B 48 21.97 15.48 10.12
N LEU B 49 21.09 16.30 9.51
CA LEU B 49 21.22 16.53 8.08
C LEU B 49 22.58 17.14 7.75
N LYS B 50 23.03 18.10 8.59
CA LYS B 50 24.28 18.82 8.33
C LYS B 50 25.48 17.93 8.64
N ASN B 51 25.53 17.42 9.88
CA ASN B 51 26.78 16.89 10.40
C ASN B 51 26.94 15.40 10.15
N TYR B 52 25.82 14.72 9.86
CA TYR B 52 25.84 13.30 9.59
C TYR B 52 25.66 13.05 8.09
N ALA B 53 24.66 13.70 7.48
CA ALA B 53 24.34 13.39 6.10
C ALA B 53 25.13 14.23 5.10
N GLY B 54 25.58 15.43 5.53
CA GLY B 54 26.40 16.30 4.71
C GLY B 54 25.65 17.37 3.94
N ARG B 55 24.46 17.80 4.43
CA ARG B 55 23.75 18.89 3.79
C ARG B 55 24.39 20.24 4.14
N PRO B 56 24.27 21.29 3.30
CA PRO B 56 23.60 21.24 2.00
C PRO B 56 24.42 20.53 0.93
N THR B 57 23.71 19.90 -0.01
CA THR B 57 24.37 19.28 -1.13
C THR B 57 24.66 20.33 -2.21
N ALA B 58 25.71 20.10 -2.98
CA ALA B 58 26.13 21.03 -4.01
C ALA B 58 25.08 21.18 -5.11
N LEU B 59 25.14 22.31 -5.79
CA LEU B 59 24.45 22.51 -7.05
C LEU B 59 25.51 22.76 -8.12
N THR B 60 25.61 21.80 -9.05
CA THR B 60 26.74 21.77 -9.97
C THR B 60 26.29 22.24 -11.35
N LYS B 61 26.98 23.25 -11.90
CA LYS B 61 26.72 23.67 -13.26
C LYS B 61 27.47 22.74 -14.20
N CYS B 62 26.73 22.23 -15.20
N CYS B 62 26.74 22.08 -15.12
CA CYS B 62 27.28 21.25 -16.13
CA CYS B 62 27.47 21.25 -16.06
C CYS B 62 27.45 21.91 -17.51
C CYS B 62 27.48 21.90 -17.43
N GLN B 63 28.65 22.46 -17.76
CA GLN B 63 28.89 23.24 -18.96
C GLN B 63 29.20 22.36 -20.16
N ASN B 64 29.93 21.24 -19.95
CA ASN B 64 30.34 20.44 -21.09
C ASN B 64 29.11 19.87 -21.82
N ILE B 65 28.13 19.40 -21.06
CA ILE B 65 26.95 18.74 -21.59
C ILE B 65 26.12 19.68 -22.48
N THR B 66 26.14 20.98 -22.21
CA THR B 66 25.23 21.91 -22.84
C THR B 66 25.94 22.78 -23.89
N ALA B 67 27.24 22.53 -24.12
CA ALA B 67 28.03 23.36 -25.02
C ALA B 67 27.34 23.47 -26.37
N GLY B 68 27.26 24.69 -26.89
CA GLY B 68 26.73 24.96 -28.22
C GLY B 68 25.20 25.11 -28.24
N THR B 69 24.58 25.10 -27.05
CA THR B 69 23.14 25.28 -26.94
C THR B 69 22.85 26.46 -26.01
N ARG B 70 21.56 26.86 -25.94
N ARG B 70 21.56 26.83 -25.92
CA ARG B 70 21.16 27.93 -25.04
CA ARG B 70 21.13 27.91 -25.05
C ARG B 70 20.56 27.37 -23.75
C ARG B 70 20.55 27.36 -23.74
N THR B 71 20.83 26.09 -23.45
CA THR B 71 20.45 25.50 -22.17
C THR B 71 21.56 25.71 -21.17
N THR B 72 21.20 26.22 -19.98
CA THR B 72 22.09 26.17 -18.83
C THR B 72 21.54 25.10 -17.87
N LEU B 73 22.36 24.10 -17.53
CA LEU B 73 21.91 22.98 -16.73
C LEU B 73 22.69 22.88 -15.43
N TYR B 74 21.95 22.84 -14.32
CA TYR B 74 22.52 22.54 -13.01
C TYR B 74 22.00 21.20 -12.53
N LEU B 75 22.84 20.49 -11.79
CA LEU B 75 22.46 19.25 -11.13
C LEU B 75 22.44 19.47 -9.63
N LYS B 76 21.30 19.17 -8.99
CA LYS B 76 21.23 19.17 -7.54
C LYS B 76 21.81 17.84 -7.05
N ARG B 77 22.87 17.91 -6.23
CA ARG B 77 23.74 16.75 -6.04
C ARG B 77 23.32 15.89 -4.85
N GLU B 78 22.11 15.29 -4.92
CA GLU B 78 21.71 14.37 -3.86
C GLU B 78 22.56 13.10 -3.90
N ASP B 79 23.27 12.88 -5.02
CA ASP B 79 24.23 11.79 -5.11
C ASP B 79 25.35 11.93 -4.08
N LEU B 80 25.57 13.15 -3.55
CA LEU B 80 26.63 13.38 -2.58
C LEU B 80 26.17 13.21 -1.13
N LEU B 81 24.86 12.98 -0.93
CA LEU B 81 24.33 12.79 0.40
C LEU B 81 24.85 11.47 0.95
N HIS B 82 25.05 11.40 2.27
CA HIS B 82 25.43 10.14 2.88
C HIS B 82 24.43 9.05 2.49
N GLY B 83 24.97 7.91 2.04
CA GLY B 83 24.18 6.79 1.54
C GLY B 83 24.06 6.79 0.01
N GLY B 84 24.32 7.95 -0.61
CA GLY B 84 24.40 8.04 -2.05
C GLY B 84 23.08 8.31 -2.74
N ALA B 85 22.03 8.64 -1.96
CA ALA B 85 20.75 9.02 -2.53
C ALA B 85 19.98 9.92 -1.56
N HIS B 86 18.98 10.61 -2.10
CA HIS B 86 18.17 11.56 -1.33
C HIS B 86 17.41 10.87 -0.19
N LYS B 87 17.26 9.54 -0.23
CA LYS B 87 16.39 8.85 0.71
C LYS B 87 16.81 9.12 2.16
N THR B 88 18.11 9.36 2.38
CA THR B 88 18.66 9.60 3.70
C THR B 88 17.94 10.74 4.42
N ASN B 89 17.54 11.78 3.68
CA ASN B 89 16.92 12.92 4.33
C ASN B 89 15.70 12.49 5.16
N GLN B 90 14.79 11.77 4.51
CA GLN B 90 13.49 11.53 5.13
C GLN B 90 13.56 10.40 6.14
N VAL B 91 14.48 9.43 5.94
CA VAL B 91 14.62 8.37 6.94
C VAL B 91 15.10 8.94 8.27
N LEU B 92 15.95 9.98 8.24
CA LEU B 92 16.41 10.59 9.47
C LEU B 92 15.24 11.26 10.20
N GLY B 93 14.39 11.97 9.45
CA GLY B 93 13.22 12.60 10.03
C GLY B 93 12.24 11.57 10.59
N GLN B 94 11.95 10.51 9.82
CA GLN B 94 11.03 9.48 10.30
C GLN B 94 11.58 8.74 11.51
N ALA B 95 12.91 8.51 11.56
CA ALA B 95 13.50 7.88 12.74
C ALA B 95 13.31 8.77 13.98
N LEU B 96 13.50 10.09 13.82
CA LEU B 96 13.24 11.00 14.92
C LEU B 96 11.75 11.01 15.32
N LEU B 97 10.83 10.87 14.36
CA LEU B 97 9.42 10.77 14.73
C LEU B 97 9.18 9.51 15.54
N ALA B 98 9.74 8.38 15.07
CA ALA B 98 9.59 7.14 15.80
C ALA B 98 10.00 7.31 17.26
N LYS B 99 11.15 7.94 17.47
CA LYS B 99 11.66 8.15 18.81
C LYS B 99 10.73 9.08 19.61
N ARG B 100 10.19 10.11 18.93
CA ARG B 100 9.30 11.06 19.58
C ARG B 100 8.07 10.33 20.13
N MET B 101 7.62 9.31 19.41
CA MET B 101 6.43 8.57 19.78
C MET B 101 6.77 7.50 20.81
N GLY B 102 8.07 7.30 21.05
CA GLY B 102 8.53 6.31 22.01
C GLY B 102 8.68 4.91 21.41
N LYS B 103 8.71 4.80 20.07
CA LYS B 103 8.84 3.50 19.40
C LYS B 103 10.31 3.08 19.38
N SER B 104 10.55 1.75 19.43
CA SER B 104 11.91 1.22 19.52
C SER B 104 12.29 0.41 18.28
N GLU B 105 11.31 0.16 17.40
CA GLU B 105 11.48 -0.71 16.26
C GLU B 105 11.03 0.01 15.00
N ILE B 106 11.66 -0.36 13.88
CA ILE B 106 11.40 0.20 12.55
C ILE B 106 11.09 -0.97 11.61
N ILE B 107 10.02 -0.79 10.83
CA ILE B 107 9.69 -1.65 9.71
C ILE B 107 9.90 -0.83 8.44
N ALA B 108 10.47 -1.44 7.39
CA ALA B 108 10.58 -0.75 6.11
C ALA B 108 10.42 -1.76 4.98
N GLU B 109 9.81 -1.31 3.87
CA GLU B 109 9.80 -2.06 2.63
C GLU B 109 10.96 -1.58 1.76
N THR B 110 11.44 -2.45 0.86
CA THR B 110 12.41 -2.01 -0.13
C THR B 110 12.30 -2.90 -1.36
N GLY B 111 12.61 -2.31 -2.53
CA GLY B 111 12.65 -3.01 -3.79
C GLY B 111 14.07 -3.02 -4.35
N ALA B 112 14.55 -1.83 -4.74
CA ALA B 112 15.92 -1.63 -5.19
C ALA B 112 16.90 -1.89 -4.05
N GLY B 113 16.45 -1.70 -2.80
CA GLY B 113 17.31 -1.92 -1.66
C GLY B 113 17.85 -0.62 -1.06
N GLN B 114 17.73 0.50 -1.78
CA GLN B 114 18.27 1.77 -1.30
C GLN B 114 17.50 2.24 -0.06
N HIS B 115 16.17 2.12 -0.08
CA HIS B 115 15.41 2.51 1.10
C HIS B 115 15.76 1.63 2.29
N GLY B 116 15.92 0.32 2.03
CA GLY B 116 16.31 -0.60 3.09
C GLY B 116 17.62 -0.18 3.75
N VAL B 117 18.59 0.20 2.91
CA VAL B 117 19.90 0.62 3.39
C VAL B 117 19.74 1.92 4.17
N ALA B 118 18.97 2.88 3.64
CA ALA B 118 18.75 4.16 4.31
C ALA B 118 18.10 3.94 5.67
N SER B 119 17.07 3.08 5.72
N SER B 119 17.08 3.07 5.71
CA SER B 119 16.38 2.80 6.96
CA SER B 119 16.36 2.78 6.95
C SER B 119 17.35 2.16 7.95
C SER B 119 17.28 2.10 7.95
N ALA B 120 18.15 1.22 7.44
CA ALA B 120 19.12 0.50 8.28
C ALA B 120 20.15 1.47 8.87
N LEU B 121 20.64 2.42 8.06
CA LEU B 121 21.68 3.32 8.57
C LEU B 121 21.11 4.28 9.62
N ALA B 122 19.89 4.79 9.37
CA ALA B 122 19.25 5.70 10.32
C ALA B 122 18.98 4.94 11.63
N SER B 123 18.57 3.67 11.50
CA SER B 123 18.23 2.88 12.68
C SER B 123 19.49 2.58 13.50
N ALA B 124 20.60 2.28 12.82
CA ALA B 124 21.89 2.04 13.48
C ALA B 124 22.32 3.29 14.26
N LEU B 125 22.26 4.45 13.59
CA LEU B 125 22.69 5.69 14.23
C LEU B 125 21.84 5.98 15.46
N LEU B 126 20.52 5.77 15.35
CA LEU B 126 19.61 6.35 16.33
C LEU B 126 19.04 5.30 17.30
N GLY B 127 19.60 4.08 17.28
CA GLY B 127 19.33 3.11 18.34
C GLY B 127 17.97 2.44 18.19
N LEU B 128 17.56 2.17 16.94
CA LEU B 128 16.30 1.52 16.64
C LEU B 128 16.58 0.14 16.05
N LYS B 129 15.67 -0.80 16.34
N LYS B 129 15.68 -0.80 16.35
CA LYS B 129 15.77 -2.16 15.82
CA LYS B 129 15.76 -2.16 15.82
C LYS B 129 14.98 -2.26 14.52
C LYS B 129 14.99 -2.20 14.51
N CYS B 130 15.70 -2.48 13.41
CA CYS B 130 15.17 -2.34 12.06
C CYS B 130 14.95 -3.70 11.42
N ARG B 131 13.73 -3.89 10.89
CA ARG B 131 13.41 -5.03 10.04
C ARG B 131 12.91 -4.55 8.70
N ILE B 132 13.38 -5.21 7.62
N ILE B 132 13.37 -5.23 7.64
CA ILE B 132 13.12 -4.76 6.26
CA ILE B 132 13.18 -4.79 6.26
C ILE B 132 12.50 -5.90 5.47
C ILE B 132 12.48 -5.93 5.50
N TYR B 133 11.37 -5.58 4.82
CA TYR B 133 10.69 -6.54 3.96
C TYR B 133 11.12 -6.29 2.52
N MET B 134 11.43 -7.39 1.83
CA MET B 134 11.93 -7.27 0.47
C MET B 134 11.44 -8.49 -0.30
N GLY B 135 10.79 -8.25 -1.45
CA GLY B 135 10.35 -9.35 -2.28
C GLY B 135 11.53 -10.27 -2.62
N ALA B 136 11.27 -11.58 -2.61
CA ALA B 136 12.32 -12.59 -2.79
C ALA B 136 13.03 -12.40 -4.13
N LYS B 137 12.31 -11.93 -5.15
CA LYS B 137 12.93 -11.69 -6.46
C LYS B 137 13.91 -10.52 -6.35
N ASP B 138 13.57 -9.54 -5.51
CA ASP B 138 14.44 -8.39 -5.32
C ASP B 138 15.66 -8.76 -4.49
N VAL B 139 15.45 -9.57 -3.44
CA VAL B 139 16.56 -10.06 -2.62
C VAL B 139 17.62 -10.68 -3.53
N GLU B 140 17.16 -11.53 -4.48
CA GLU B 140 18.05 -12.24 -5.38
C GLU B 140 18.86 -11.27 -6.25
N ARG B 141 18.27 -10.11 -6.56
CA ARG B 141 18.86 -9.19 -7.52
C ARG B 141 19.73 -8.14 -6.83
N GLN B 142 19.59 -8.04 -5.50
CA GLN B 142 20.21 -6.92 -4.79
C GLN B 142 21.08 -7.42 -3.63
N SER B 143 21.93 -8.41 -3.92
CA SER B 143 22.88 -8.93 -2.94
C SER B 143 23.67 -7.80 -2.26
N PRO B 144 24.22 -6.80 -2.99
CA PRO B 144 25.01 -5.74 -2.35
C PRO B 144 24.23 -5.00 -1.28
N ASN B 145 23.00 -4.59 -1.62
CA ASN B 145 22.21 -3.80 -0.69
C ASN B 145 21.77 -4.67 0.49
N VAL B 146 21.45 -5.94 0.22
CA VAL B 146 21.04 -6.84 1.28
C VAL B 146 22.18 -6.99 2.27
N PHE B 147 23.40 -7.14 1.75
CA PHE B 147 24.56 -7.29 2.61
C PHE B 147 24.81 -6.02 3.43
N ARG B 148 24.63 -4.83 2.81
CA ARG B 148 24.81 -3.58 3.53
C ARG B 148 23.83 -3.50 4.69
N MET B 149 22.57 -3.87 4.43
CA MET B 149 21.53 -3.80 5.45
C MET B 149 21.92 -4.70 6.64
N ARG B 150 22.42 -5.90 6.33
CA ARG B 150 22.83 -6.83 7.36
C ARG B 150 24.04 -6.32 8.12
N LEU B 151 24.98 -5.65 7.43
CA LEU B 151 26.17 -5.10 8.08
C LEU B 151 25.74 -4.03 9.09
N MET B 152 24.64 -3.34 8.79
CA MET B 152 24.18 -2.25 9.65
C MET B 152 23.23 -2.77 10.73
N GLY B 153 23.08 -4.09 10.81
CA GLY B 153 22.36 -4.70 11.92
C GLY B 153 20.85 -4.88 11.67
N ALA B 154 20.39 -4.61 10.44
CA ALA B 154 18.98 -4.78 10.14
C ALA B 154 18.67 -6.24 9.82
N GLU B 155 17.42 -6.65 10.11
CA GLU B 155 16.94 -7.98 9.76
C GLU B 155 16.25 -7.85 8.40
N VAL B 156 16.66 -8.68 7.44
CA VAL B 156 16.05 -8.64 6.11
C VAL B 156 15.16 -9.87 5.95
N ILE B 157 13.87 -9.61 5.69
CA ILE B 157 12.88 -10.67 5.64
C ILE B 157 12.37 -10.79 4.21
N PRO B 158 12.72 -11.88 3.48
CA PRO B 158 12.23 -12.09 2.12
C PRO B 158 10.73 -12.32 2.10
N VAL B 159 10.08 -11.79 1.06
CA VAL B 159 8.64 -11.89 0.91
C VAL B 159 8.36 -12.73 -0.32
N HIS B 160 7.69 -13.86 -0.12
CA HIS B 160 7.52 -14.86 -1.17
C HIS B 160 6.10 -14.83 -1.73
N SER B 161 5.22 -14.04 -1.10
CA SER B 161 3.82 -13.96 -1.48
C SER B 161 3.66 -13.14 -2.75
N GLY B 162 2.50 -13.33 -3.42
CA GLY B 162 2.17 -12.61 -4.64
C GLY B 162 3.28 -12.70 -5.67
N SER B 163 3.75 -11.53 -6.14
CA SER B 163 4.74 -11.45 -7.19
C SER B 163 6.17 -11.38 -6.64
N ALA B 164 6.33 -11.49 -5.31
CA ALA B 164 7.61 -11.55 -4.64
C ALA B 164 8.48 -10.35 -5.04
N THR B 165 7.86 -9.19 -5.15
CA THR B 165 8.59 -7.97 -5.48
C THR B 165 8.11 -6.81 -4.60
N LEU B 166 8.34 -5.56 -5.05
CA LEU B 166 8.15 -4.40 -4.19
C LEU B 166 6.73 -4.29 -3.65
N LYS B 167 5.71 -4.43 -4.49
CA LYS B 167 4.35 -4.23 -3.99
C LYS B 167 4.06 -5.27 -2.91
N ASP B 168 4.65 -6.45 -3.04
CA ASP B 168 4.39 -7.53 -2.11
C ASP B 168 5.07 -7.25 -0.78
N ALA B 169 6.25 -6.62 -0.83
CA ALA B 169 6.95 -6.16 0.36
C ALA B 169 6.16 -5.04 1.05
N CYS B 170 5.57 -4.14 0.26
CA CYS B 170 4.70 -3.09 0.76
C CYS B 170 3.54 -3.71 1.54
N ASN B 171 2.89 -4.72 0.96
CA ASN B 171 1.80 -5.38 1.66
C ASN B 171 2.27 -5.95 3.00
N GLU B 172 3.43 -6.63 2.98
CA GLU B 172 3.88 -7.36 4.16
C GLU B 172 4.24 -6.40 5.28
N ALA B 173 4.84 -5.25 4.91
CA ALA B 173 5.16 -4.23 5.89
C ALA B 173 3.89 -3.79 6.63
N LEU B 174 2.81 -3.56 5.88
CA LEU B 174 1.53 -3.16 6.46
C LEU B 174 0.90 -4.29 7.28
N ARG B 175 1.04 -5.54 6.83
CA ARG B 175 0.55 -6.66 7.62
C ARG B 175 1.22 -6.67 8.99
N ASP B 176 2.54 -6.50 8.99
CA ASP B 176 3.30 -6.53 10.22
C ASP B 176 2.85 -5.37 11.11
N TRP B 177 2.80 -4.17 10.53
CA TRP B 177 2.47 -3.01 11.31
C TRP B 177 1.09 -3.12 11.95
N SER B 178 0.16 -3.80 11.26
N SER B 178 0.15 -3.77 11.23
CA SER B 178 -1.22 -3.93 11.73
CA SER B 178 -1.21 -3.97 11.71
C SER B 178 -1.29 -4.76 13.01
C SER B 178 -1.21 -4.62 13.09
N GLY B 179 -0.20 -5.46 13.33
CA GLY B 179 -0.07 -6.21 14.58
C GLY B 179 0.95 -5.62 15.55
N SER B 180 1.84 -4.74 15.07
CA SER B 180 3.01 -4.33 15.84
C SER B 180 3.13 -2.83 16.10
N TYR B 181 2.13 -2.05 15.69
N TYR B 181 2.14 -2.03 15.70
CA TYR B 181 2.20 -0.59 15.69
CA TYR B 181 2.34 -0.58 15.70
C TYR B 181 2.46 -0.04 17.10
C TYR B 181 2.42 0.00 17.10
N GLU B 182 2.11 -0.81 18.13
CA GLU B 182 2.26 -0.31 19.49
C GLU B 182 3.74 -0.10 19.82
N THR B 183 4.62 -0.86 19.16
CA THR B 183 6.04 -0.81 19.47
C THR B 183 6.89 -0.40 18.26
N ALA B 184 6.35 -0.58 17.04
CA ALA B 184 7.12 -0.36 15.82
C ALA B 184 6.54 0.80 15.03
N HIS B 185 7.44 1.58 14.41
CA HIS B 185 7.05 2.56 13.41
C HIS B 185 7.30 2.02 12.01
N TYR B 186 6.34 2.22 11.10
CA TYR B 186 6.51 1.87 9.71
C TYR B 186 7.18 3.01 8.94
N MET B 187 8.43 2.79 8.54
CA MET B 187 9.20 3.82 7.85
C MET B 187 9.01 3.65 6.34
N LEU B 188 7.89 4.16 5.83
CA LEU B 188 7.54 4.03 4.42
C LEU B 188 8.57 4.78 3.59
N GLY B 189 8.90 4.22 2.42
CA GLY B 189 10.08 4.65 1.68
C GLY B 189 9.86 5.72 0.60
N THR B 190 8.63 6.22 0.43
CA THR B 190 8.40 7.20 -0.62
C THR B 190 7.21 8.08 -0.24
N ALA B 191 6.90 9.08 -1.10
CA ALA B 191 5.80 10.00 -0.84
C ALA B 191 4.50 9.41 -1.37
N ALA B 192 4.15 8.23 -0.86
CA ALA B 192 2.97 7.51 -1.29
C ALA B 192 2.44 6.76 -0.08
N GLY B 193 1.46 5.88 -0.31
CA GLY B 193 0.82 5.16 0.77
C GLY B 193 -0.25 6.02 1.44
N PRO B 194 -0.78 5.57 2.60
CA PRO B 194 -1.87 6.28 3.26
C PRO B 194 -1.36 7.56 3.92
N HIS B 195 -2.25 8.57 3.98
CA HIS B 195 -1.96 9.73 4.81
C HIS B 195 -1.63 9.23 6.21
N PRO B 196 -0.63 9.80 6.92
CA PRO B 196 0.06 11.04 6.52
C PRO B 196 1.38 10.89 5.75
N TYR B 197 1.65 9.70 5.20
CA TYR B 197 2.99 9.49 4.63
C TYR B 197 3.31 10.41 3.46
N PRO B 198 2.42 10.64 2.46
CA PRO B 198 2.79 11.54 1.35
C PRO B 198 3.18 12.94 1.84
N THR B 199 2.50 13.39 2.89
CA THR B 199 2.75 14.71 3.47
C THR B 199 4.08 14.71 4.23
N ILE B 200 4.28 13.70 5.10
CA ILE B 200 5.48 13.64 5.92
C ILE B 200 6.73 13.54 5.04
N VAL B 201 6.68 12.66 4.04
CA VAL B 201 7.84 12.41 3.21
C VAL B 201 8.18 13.68 2.41
N ARG B 202 7.15 14.37 1.91
CA ARG B 202 7.40 15.64 1.22
C ARG B 202 8.10 16.62 2.17
N GLU B 203 7.56 16.77 3.37
CA GLU B 203 8.10 17.76 4.28
C GLU B 203 9.54 17.42 4.70
N PHE B 204 9.86 16.12 4.75
CA PHE B 204 11.19 15.69 5.15
C PHE B 204 12.15 15.59 3.96
N GLN B 205 11.67 15.94 2.75
CA GLN B 205 12.52 16.02 1.58
C GLN B 205 12.56 17.45 1.02
N ARG B 206 11.82 18.39 1.61
CA ARG B 206 11.60 19.67 0.96
C ARG B 206 12.85 20.55 0.97
N MET B 207 13.85 20.18 1.77
CA MET B 207 15.10 20.92 1.77
C MET B 207 15.81 20.81 0.42
N ILE B 208 15.50 19.78 -0.38
CA ILE B 208 16.10 19.67 -1.69
C ILE B 208 15.77 20.92 -2.51
N GLY B 209 14.45 21.21 -2.64
CA GLY B 209 14.01 22.37 -3.40
C GLY B 209 14.38 23.69 -2.73
N GLU B 210 14.34 23.73 -1.39
CA GLU B 210 14.67 24.96 -0.68
C GLU B 210 16.12 25.35 -0.95
N GLU B 211 17.03 24.38 -0.85
CA GLU B 211 18.44 24.63 -1.12
C GLU B 211 18.64 25.01 -2.58
N THR B 212 18.01 24.26 -3.49
CA THR B 212 18.12 24.55 -4.92
C THR B 212 17.73 26.00 -5.19
N LYS B 213 16.62 26.46 -4.59
CA LYS B 213 16.18 27.83 -4.81
C LYS B 213 17.26 28.82 -4.35
N ALA B 214 17.81 28.61 -3.16
CA ALA B 214 18.81 29.54 -2.63
C ALA B 214 20.05 29.52 -3.51
N GLN B 215 20.45 28.33 -3.95
CA GLN B 215 21.67 28.16 -4.71
C GLN B 215 21.52 28.77 -6.11
N ILE B 216 20.38 28.53 -6.77
CA ILE B 216 20.19 29.10 -8.10
C ILE B 216 20.06 30.63 -8.03
N LEU B 217 19.40 31.16 -7.00
CA LEU B 217 19.33 32.60 -6.86
C LEU B 217 20.73 33.21 -6.69
N ASP B 218 21.55 32.56 -5.86
CA ASP B 218 22.93 32.97 -5.64
C ASP B 218 23.73 33.00 -6.94
N LYS B 219 23.57 31.95 -7.77
N LYS B 219 23.58 31.95 -7.77
CA LYS B 219 24.43 31.74 -8.93
CA LYS B 219 24.43 31.76 -8.92
C LYS B 219 23.89 32.44 -10.18
C LYS B 219 23.90 32.49 -10.15
N GLU B 220 22.57 32.54 -10.30
CA GLU B 220 21.96 33.02 -11.53
C GLU B 220 21.11 34.28 -11.33
N GLY B 221 20.76 34.58 -10.07
CA GLY B 221 19.99 35.78 -9.77
C GLY B 221 18.51 35.66 -10.15
N ARG B 222 18.06 34.43 -10.46
N ARG B 222 18.05 34.42 -10.35
CA ARG B 222 16.68 34.17 -10.83
CA ARG B 222 16.67 34.18 -10.72
C ARG B 222 16.36 32.69 -10.66
C ARG B 222 16.32 32.72 -10.43
N LEU B 223 15.05 32.39 -10.65
CA LEU B 223 14.58 31.04 -10.45
C LEU B 223 14.77 30.24 -11.74
N PRO B 224 14.78 28.89 -11.65
CA PRO B 224 14.90 28.06 -12.85
C PRO B 224 13.68 28.25 -13.74
N ASP B 225 13.86 28.00 -15.04
CA ASP B 225 12.72 27.86 -15.93
C ASP B 225 11.97 26.56 -15.65
N ALA B 226 12.70 25.50 -15.26
CA ALA B 226 12.08 24.22 -14.93
C ALA B 226 13.00 23.41 -14.01
N VAL B 227 12.37 22.63 -13.12
CA VAL B 227 13.07 21.64 -12.33
C VAL B 227 12.53 20.28 -12.73
N ILE B 228 13.45 19.32 -12.89
CA ILE B 228 13.15 18.04 -13.50
C ILE B 228 13.60 16.93 -12.56
N ALA B 229 12.72 15.95 -12.31
CA ALA B 229 13.05 14.89 -11.37
C ALA B 229 12.38 13.60 -11.83
N CYS B 230 13.05 12.47 -11.58
CA CYS B 230 12.46 11.16 -11.84
C CYS B 230 11.39 10.84 -10.79
N VAL B 231 10.42 9.99 -11.18
CA VAL B 231 9.30 9.65 -10.33
C VAL B 231 9.17 8.13 -10.21
N GLY B 232 9.58 7.59 -9.05
CA GLY B 232 9.39 6.19 -8.74
C GLY B 232 8.13 6.03 -7.90
N GLY B 233 8.20 6.45 -6.64
CA GLY B 233 7.02 6.65 -5.83
C GLY B 233 6.73 8.14 -5.65
N GLY B 234 7.75 9.00 -5.83
CA GLY B 234 7.49 10.44 -5.85
C GLY B 234 8.27 11.30 -4.85
N SER B 235 9.12 10.69 -4.00
CA SER B 235 9.76 11.46 -2.92
C SER B 235 10.79 12.47 -3.42
N ASN B 236 11.73 12.06 -4.28
CA ASN B 236 12.77 13.02 -4.65
C ASN B 236 12.14 14.14 -5.47
N ALA B 237 11.15 13.79 -6.30
CA ALA B 237 10.53 14.80 -7.15
C ALA B 237 9.73 15.80 -6.30
N ILE B 238 8.91 15.31 -5.35
CA ILE B 238 8.13 16.24 -4.53
C ILE B 238 9.08 17.04 -3.63
N GLY B 239 10.20 16.44 -3.23
CA GLY B 239 11.15 17.21 -2.43
C GLY B 239 11.76 18.37 -3.21
N MET B 240 12.05 18.14 -4.50
CA MET B 240 12.54 19.21 -5.36
C MET B 240 11.41 20.20 -5.66
N PHE B 241 10.21 19.69 -5.94
CA PHE B 241 9.13 20.57 -6.39
C PHE B 241 8.57 21.46 -5.28
N ALA B 242 8.51 20.97 -4.03
CA ALA B 242 7.62 21.58 -3.03
C ALA B 242 7.80 23.08 -2.89
N ASP B 243 9.05 23.52 -2.73
CA ASP B 243 9.33 24.93 -2.46
C ASP B 243 9.10 25.81 -3.68
N PHE B 244 8.90 25.19 -4.85
CA PHE B 244 8.65 25.96 -6.08
C PHE B 244 7.17 25.96 -6.48
N ILE B 245 6.31 25.22 -5.76
CA ILE B 245 4.92 25.10 -6.20
C ILE B 245 4.27 26.47 -6.36
N ASN B 246 4.55 27.40 -5.44
CA ASN B 246 3.91 28.71 -5.48
C ASN B 246 4.67 29.71 -6.36
N ASP B 247 5.80 29.29 -6.94
CA ASP B 247 6.51 30.08 -7.92
C ASP B 247 6.01 29.68 -9.31
N THR B 248 4.99 30.40 -9.78
CA THR B 248 4.14 29.90 -10.86
C THR B 248 4.89 29.79 -12.19
N SER B 249 6.00 30.53 -12.32
N SER B 249 6.00 30.53 -12.34
CA SER B 249 6.80 30.58 -13.54
CA SER B 249 6.74 30.52 -13.59
C SER B 249 7.70 29.36 -13.66
C SER B 249 7.83 29.46 -13.61
N VAL B 250 7.93 28.67 -12.53
CA VAL B 250 8.89 27.57 -12.49
C VAL B 250 8.19 26.29 -12.92
N GLY B 251 8.62 25.75 -14.07
CA GLY B 251 8.09 24.46 -14.53
C GLY B 251 8.49 23.32 -13.60
N LEU B 252 7.54 22.42 -13.36
CA LEU B 252 7.80 21.21 -12.59
C LEU B 252 7.58 20.05 -13.54
N ILE B 253 8.65 19.27 -13.79
CA ILE B 253 8.57 18.17 -14.73
C ILE B 253 9.00 16.89 -14.02
N GLY B 254 8.06 15.94 -13.96
CA GLY B 254 8.33 14.62 -13.40
C GLY B 254 8.51 13.60 -14.51
N VAL B 255 9.51 12.71 -14.34
CA VAL B 255 9.84 11.75 -15.38
C VAL B 255 9.58 10.33 -14.89
N GLU B 256 8.57 9.68 -15.48
CA GLU B 256 8.28 8.28 -15.17
C GLU B 256 9.13 7.38 -16.04
N PRO B 257 9.42 6.14 -15.59
CA PRO B 257 10.15 5.19 -16.42
C PRO B 257 9.28 4.62 -17.56
N GLY B 258 9.77 4.78 -18.78
CA GLY B 258 9.10 4.24 -19.94
C GLY B 258 9.51 2.80 -20.27
N GLY B 259 10.48 2.25 -19.52
CA GLY B 259 10.88 0.86 -19.69
C GLY B 259 11.32 0.57 -21.14
N HIS B 260 10.71 -0.47 -21.73
CA HIS B 260 11.02 -0.85 -23.10
C HIS B 260 10.25 0.01 -24.11
N GLY B 261 9.43 0.92 -23.59
CA GLY B 261 8.57 1.76 -24.39
C GLY B 261 7.12 1.65 -23.93
N ILE B 262 6.41 2.78 -23.87
CA ILE B 262 5.04 2.77 -23.37
C ILE B 262 4.19 1.77 -24.15
N GLU B 263 4.39 1.72 -25.48
CA GLU B 263 3.57 0.90 -26.36
C GLU B 263 3.76 -0.60 -26.08
N THR B 264 4.86 -0.97 -25.41
CA THR B 264 5.14 -2.37 -25.11
C THR B 264 4.36 -2.83 -23.88
N GLY B 265 3.87 -1.86 -23.09
CA GLY B 265 3.25 -2.16 -21.81
C GLY B 265 4.26 -2.47 -20.72
N GLU B 266 5.56 -2.55 -21.08
CA GLU B 266 6.60 -2.85 -20.11
C GLU B 266 7.23 -1.53 -19.66
N HIS B 267 6.63 -0.92 -18.63
CA HIS B 267 6.99 0.42 -18.20
C HIS B 267 6.54 0.56 -16.75
N GLY B 268 6.83 1.73 -16.17
CA GLY B 268 6.37 2.04 -14.83
C GLY B 268 5.80 3.45 -14.79
N ALA B 269 4.90 3.74 -15.73
CA ALA B 269 4.42 5.10 -15.91
C ALA B 269 2.92 5.18 -15.65
N PRO B 270 2.45 4.90 -14.40
CA PRO B 270 1.03 4.94 -14.09
C PRO B 270 0.40 6.32 -14.15
N LEU B 271 1.18 7.37 -13.86
CA LEU B 271 0.54 8.67 -13.79
C LEU B 271 -0.07 9.00 -15.15
N LYS B 272 0.68 8.73 -16.23
CA LYS B 272 0.20 9.11 -17.55
C LYS B 272 -0.44 7.93 -18.29
N HIS B 273 -0.19 6.69 -17.83
CA HIS B 273 -0.60 5.53 -18.62
C HIS B 273 -1.34 4.48 -17.79
N GLY B 274 -1.57 4.76 -16.51
CA GLY B 274 -2.39 3.89 -15.68
C GLY B 274 -3.84 4.39 -15.58
N ARG B 275 -4.54 3.88 -14.55
CA ARG B 275 -5.94 4.13 -14.28
C ARG B 275 -6.04 4.30 -12.77
N VAL B 276 -6.89 5.23 -12.31
N VAL B 276 -6.89 5.23 -12.30
CA VAL B 276 -7.07 5.43 -10.87
CA VAL B 276 -7.01 5.44 -10.87
C VAL B 276 -7.54 4.11 -10.23
C VAL B 276 -7.56 4.17 -10.21
N GLY B 277 -6.93 3.79 -9.09
CA GLY B 277 -7.36 2.66 -8.30
C GLY B 277 -7.12 2.95 -6.83
N ILE B 278 -7.36 1.93 -6.00
CA ILE B 278 -7.12 2.03 -4.57
C ILE B 278 -6.21 0.87 -4.17
N TYR B 279 -5.00 1.21 -3.73
CA TYR B 279 -4.04 0.19 -3.33
C TYR B 279 -2.98 0.86 -2.46
N PHE B 280 -2.39 0.08 -1.56
CA PHE B 280 -1.31 0.56 -0.70
C PHE B 280 -1.79 1.78 0.09
N GLY B 281 -3.06 1.75 0.51
CA GLY B 281 -3.57 2.79 1.39
C GLY B 281 -3.96 4.08 0.70
N MET B 282 -3.89 4.13 -0.63
CA MET B 282 -4.14 5.39 -1.31
C MET B 282 -4.98 5.19 -2.57
N LYS B 283 -5.69 6.26 -2.94
CA LYS B 283 -6.33 6.38 -4.24
C LYS B 283 -5.38 7.15 -5.15
N ALA B 284 -4.92 6.46 -6.21
CA ALA B 284 -3.87 6.99 -7.06
C ALA B 284 -3.91 6.29 -8.40
N PRO B 285 -3.34 6.88 -9.46
CA PRO B 285 -3.19 6.17 -10.72
C PRO B 285 -2.30 4.95 -10.50
N MET B 286 -2.67 3.83 -11.14
N MET B 286 -2.70 3.82 -11.11
CA MET B 286 -1.89 2.62 -10.99
CA MET B 286 -1.87 2.63 -11.01
C MET B 286 -2.01 1.74 -12.23
C MET B 286 -1.97 1.81 -12.29
N MET B 287 -0.98 0.94 -12.46
CA MET B 287 -1.00 -0.07 -13.49
C MET B 287 -1.79 -1.25 -12.96
N GLN B 288 -2.87 -1.58 -13.65
CA GLN B 288 -3.75 -2.63 -13.17
C GLN B 288 -4.33 -3.38 -14.37
N THR B 289 -4.76 -4.62 -14.12
CA THR B 289 -5.39 -5.39 -15.17
C THR B 289 -6.79 -4.83 -15.42
N ALA B 290 -7.44 -5.28 -16.49
CA ALA B 290 -8.79 -4.81 -16.80
C ALA B 290 -9.74 -5.03 -15.63
N ASP B 291 -9.50 -6.12 -14.86
CA ASP B 291 -10.35 -6.55 -13.76
C ASP B 291 -9.98 -5.87 -12.45
N GLY B 292 -8.84 -5.17 -12.42
CA GLY B 292 -8.42 -4.45 -11.23
C GLY B 292 -7.42 -5.20 -10.34
N GLN B 293 -6.75 -6.23 -10.87
CA GLN B 293 -5.59 -6.76 -10.16
C GLN B 293 -4.42 -5.82 -10.39
N ILE B 294 -3.53 -5.71 -9.40
CA ILE B 294 -2.39 -4.80 -9.54
C ILE B 294 -1.38 -5.44 -10.46
N GLU B 295 -0.93 -4.67 -11.47
CA GLU B 295 -0.08 -5.17 -12.52
C GLU B 295 1.41 -5.09 -12.14
N GLU B 296 2.21 -5.81 -12.93
CA GLU B 296 3.66 -5.77 -12.86
C GLU B 296 4.13 -4.55 -13.63
N SER B 297 4.93 -3.70 -12.96
CA SER B 297 5.64 -2.64 -13.64
C SER B 297 7.00 -3.16 -14.12
N TYR B 298 7.68 -2.32 -14.92
CA TYR B 298 9.02 -2.63 -15.37
C TYR B 298 9.81 -1.35 -15.60
N SER B 299 11.06 -1.33 -15.13
CA SER B 299 12.07 -0.37 -15.55
C SER B 299 13.44 -1.04 -15.43
N ILE B 300 14.40 -0.61 -16.26
CA ILE B 300 15.80 -0.98 -16.04
C ILE B 300 16.22 -0.60 -14.62
N SER B 301 15.65 0.48 -14.08
N SER B 301 15.65 0.48 -14.10
CA SER B 301 16.05 1.00 -12.78
CA SER B 301 16.00 0.99 -12.80
C SER B 301 15.04 0.58 -11.70
C SER B 301 15.00 0.51 -11.74
N ALA B 302 15.50 -0.26 -10.77
CA ALA B 302 14.66 -0.81 -9.71
C ALA B 302 14.02 0.27 -8.85
N GLY B 303 14.70 1.42 -8.68
CA GLY B 303 14.13 2.48 -7.86
C GLY B 303 12.84 3.07 -8.43
N LEU B 304 12.65 2.95 -9.76
CA LEU B 304 11.47 3.51 -10.40
C LEU B 304 10.39 2.45 -10.65
N ASP B 305 10.70 1.19 -10.32
CA ASP B 305 9.90 0.05 -10.74
C ASP B 305 8.81 -0.22 -9.71
N PHE B 306 7.69 0.50 -9.85
CA PHE B 306 6.54 0.36 -8.98
C PHE B 306 5.30 0.70 -9.78
N PRO B 307 4.18 -0.06 -9.65
CA PRO B 307 3.01 0.19 -10.48
C PRO B 307 2.11 1.37 -10.08
N SER B 308 2.51 2.15 -9.07
CA SER B 308 1.70 3.33 -8.74
C SER B 308 2.63 4.52 -8.48
N VAL B 309 2.08 5.56 -7.85
CA VAL B 309 2.76 6.84 -7.72
C VAL B 309 2.06 7.61 -6.61
N GLY B 310 2.82 8.51 -5.96
CA GLY B 310 2.26 9.26 -4.85
C GLY B 310 1.14 10.19 -5.30
N PRO B 311 0.14 10.41 -4.42
CA PRO B 311 -1.06 11.14 -4.81
C PRO B 311 -0.85 12.62 -5.10
N GLN B 312 0.16 13.24 -4.48
CA GLN B 312 0.35 14.66 -4.73
C GLN B 312 0.79 14.88 -6.17
N HIS B 313 1.54 13.91 -6.75
CA HIS B 313 1.89 14.03 -8.15
C HIS B 313 0.66 13.94 -9.04
N ALA B 314 -0.23 12.98 -8.74
CA ALA B 314 -1.44 12.83 -9.53
C ALA B 314 -2.25 14.13 -9.50
N TYR B 315 -2.27 14.79 -8.34
CA TYR B 315 -3.00 16.03 -8.16
C TYR B 315 -2.34 17.16 -8.94
N LEU B 316 -1.02 17.32 -8.79
CA LEU B 316 -0.34 18.40 -9.48
C LEU B 316 -0.49 18.25 -10.98
N ASN B 317 -0.50 17.01 -11.46
CA ASN B 317 -0.76 16.76 -12.86
C ASN B 317 -2.17 17.22 -13.25
N SER B 318 -3.16 16.81 -12.44
N SER B 318 -3.16 16.85 -12.42
CA SER B 318 -4.55 17.04 -12.77
CA SER B 318 -4.56 17.05 -12.73
C SER B 318 -4.85 18.54 -12.96
C SER B 318 -4.89 18.53 -12.91
N ILE B 319 -4.22 19.39 -12.15
CA ILE B 319 -4.46 20.84 -12.21
C ILE B 319 -3.48 21.54 -13.16
N GLY B 320 -2.59 20.78 -13.77
CA GLY B 320 -1.65 21.31 -14.74
C GLY B 320 -0.43 22.00 -14.12
N ARG B 321 -0.27 21.92 -12.79
CA ARG B 321 0.85 22.59 -12.15
C ARG B 321 2.17 21.90 -12.49
N ALA B 322 2.12 20.57 -12.64
CA ALA B 322 3.29 19.82 -13.04
C ALA B 322 2.95 19.02 -14.29
N ASP B 323 3.96 18.81 -15.13
CA ASP B 323 3.84 18.00 -16.33
C ASP B 323 4.66 16.74 -16.12
N TYR B 324 4.12 15.61 -16.58
CA TYR B 324 4.81 14.33 -16.45
C TYR B 324 5.04 13.74 -17.83
N VAL B 325 6.24 13.19 -17.99
CA VAL B 325 6.73 12.61 -19.23
C VAL B 325 7.34 11.25 -18.88
N SER B 326 7.78 10.53 -19.90
CA SER B 326 8.48 9.27 -19.68
C SER B 326 9.78 9.23 -20.47
N ILE B 327 10.70 8.40 -20.00
CA ILE B 327 12.01 8.20 -20.60
C ILE B 327 12.26 6.70 -20.60
N THR B 328 12.71 6.17 -21.75
CA THR B 328 12.88 4.73 -21.87
C THR B 328 14.22 4.29 -21.27
N ASP B 329 14.37 2.97 -21.11
CA ASP B 329 15.63 2.40 -20.67
C ASP B 329 16.80 2.91 -21.51
N ASP B 330 16.63 2.90 -22.84
CA ASP B 330 17.75 3.27 -23.71
C ASP B 330 18.09 4.76 -23.57
N GLU B 331 17.06 5.60 -23.40
CA GLU B 331 17.32 7.02 -23.18
C GLU B 331 18.06 7.23 -21.86
N ALA B 332 17.63 6.52 -20.81
CA ALA B 332 18.31 6.66 -19.52
C ALA B 332 19.75 6.19 -19.62
N LEU B 333 20.00 5.07 -20.32
CA LEU B 333 21.36 4.55 -20.49
C LEU B 333 22.25 5.55 -21.21
N GLU B 334 21.70 6.23 -22.24
CA GLU B 334 22.50 7.21 -22.97
C GLU B 334 22.85 8.38 -22.05
N ALA B 335 21.90 8.82 -21.23
CA ALA B 335 22.15 9.94 -20.32
C ALA B 335 23.23 9.57 -19.29
N PHE B 336 23.17 8.34 -18.78
CA PHE B 336 24.15 7.82 -17.84
C PHE B 336 25.56 7.92 -18.45
N LYS B 337 25.71 7.38 -19.66
CA LYS B 337 27.00 7.36 -20.34
C LYS B 337 27.49 8.78 -20.60
N THR B 338 26.57 9.66 -21.00
CA THR B 338 26.91 11.02 -21.35
C THR B 338 27.40 11.79 -20.11
N LEU B 339 26.75 11.60 -18.97
CA LEU B 339 27.18 12.33 -17.78
C LEU B 339 28.56 11.83 -17.33
N CYS B 340 28.77 10.52 -17.38
CA CYS B 340 30.06 9.94 -16.98
C CYS B 340 31.17 10.58 -17.81
N ARG B 341 30.95 10.63 -19.14
CA ARG B 341 32.02 10.96 -20.08
C ARG B 341 32.27 12.46 -20.11
N HIS B 342 31.23 13.28 -19.89
CA HIS B 342 31.36 14.72 -20.10
C HIS B 342 31.45 15.50 -18.79
N GLU B 343 31.03 14.90 -17.67
CA GLU B 343 31.05 15.64 -16.42
C GLU B 343 31.79 14.89 -15.31
N GLY B 344 32.15 13.62 -15.54
CA GLY B 344 32.85 12.85 -14.52
C GLY B 344 31.96 12.50 -13.32
N ILE B 345 30.64 12.48 -13.53
CA ILE B 345 29.69 12.12 -12.48
C ILE B 345 28.95 10.86 -12.95
N ILE B 346 28.93 9.83 -12.09
CA ILE B 346 28.21 8.61 -12.39
C ILE B 346 26.84 8.72 -11.73
N PRO B 347 25.76 8.90 -12.52
CA PRO B 347 24.42 9.08 -11.94
C PRO B 347 23.71 7.75 -11.75
N ALA B 348 22.87 7.68 -10.71
CA ALA B 348 21.96 6.55 -10.59
C ALA B 348 21.15 6.41 -11.88
N LEU B 349 20.83 5.17 -12.27
CA LEU B 349 19.97 5.02 -13.44
C LEU B 349 18.60 5.66 -13.21
N GLU B 350 18.14 5.73 -11.95
CA GLU B 350 16.88 6.43 -11.67
C GLU B 350 17.02 7.88 -12.13
N SER B 351 18.02 8.57 -11.57
CA SER B 351 18.29 9.98 -11.84
C SER B 351 18.55 10.22 -13.33
N SER B 352 19.15 9.22 -13.98
CA SER B 352 19.46 9.29 -15.40
C SER B 352 18.20 9.49 -16.24
N HIS B 353 17.03 9.07 -15.71
CA HIS B 353 15.77 9.32 -16.40
C HIS B 353 15.50 10.82 -16.45
N ALA B 354 15.69 11.50 -15.31
CA ALA B 354 15.53 12.94 -15.26
C ALA B 354 16.53 13.64 -16.18
N LEU B 355 17.80 13.24 -16.10
CA LEU B 355 18.81 13.85 -16.95
C LEU B 355 18.46 13.64 -18.42
N ALA B 356 18.02 12.43 -18.78
CA ALA B 356 17.68 12.15 -20.17
C ALA B 356 16.62 13.11 -20.69
N HIS B 357 15.62 13.41 -19.85
CA HIS B 357 14.58 14.33 -20.29
C HIS B 357 15.15 15.73 -20.48
N ALA B 358 16.01 16.18 -19.55
CA ALA B 358 16.62 17.49 -19.70
C ALA B 358 17.45 17.55 -20.98
N LEU B 359 18.20 16.47 -21.27
CA LEU B 359 18.99 16.43 -22.51
C LEU B 359 18.08 16.54 -23.74
N LYS B 360 16.92 15.89 -23.68
CA LYS B 360 15.94 15.98 -24.75
C LYS B 360 15.43 17.41 -24.89
N MET B 361 15.12 18.06 -23.78
CA MET B 361 14.64 19.43 -23.83
C MET B 361 15.66 20.31 -24.56
N MET B 362 16.94 20.10 -24.23
CA MET B 362 18.03 20.85 -24.83
C MET B 362 18.16 20.51 -26.32
N ARG B 363 18.26 19.21 -26.63
CA ARG B 363 18.58 18.78 -27.98
C ARG B 363 17.44 19.10 -28.96
N GLU B 364 16.19 19.03 -28.50
CA GLU B 364 15.06 19.21 -29.39
C GLU B 364 14.97 20.67 -29.82
N GLN B 365 15.37 21.58 -28.92
CA GLN B 365 15.20 23.00 -29.15
C GLN B 365 16.47 23.70 -28.67
N PRO B 366 17.60 23.51 -29.39
CA PRO B 366 18.90 23.92 -28.88
C PRO B 366 19.15 25.43 -28.83
N GLU B 367 18.28 26.20 -29.49
CA GLU B 367 18.38 27.66 -29.40
C GLU B 367 17.32 28.24 -28.46
N LYS B 368 16.61 27.39 -27.73
CA LYS B 368 15.70 27.88 -26.70
C LYS B 368 16.50 28.22 -25.45
N GLU B 369 16.37 29.46 -24.98
N GLU B 369 16.34 29.46 -24.98
CA GLU B 369 17.03 29.85 -23.74
CA GLU B 369 16.95 29.90 -23.73
C GLU B 369 16.27 29.26 -22.57
C GLU B 369 16.23 29.22 -22.57
N GLN B 370 16.95 28.39 -21.82
CA GLN B 370 16.32 27.73 -20.68
C GLN B 370 17.34 27.41 -19.59
N LEU B 371 16.94 27.73 -18.36
CA LEU B 371 17.73 27.46 -17.16
C LEU B 371 17.08 26.29 -16.43
N LEU B 372 17.75 25.13 -16.45
CA LEU B 372 17.15 23.90 -15.97
C LEU B 372 17.92 23.39 -14.75
N VAL B 373 17.18 22.82 -13.80
CA VAL B 373 17.81 22.02 -12.75
C VAL B 373 17.27 20.59 -12.82
N VAL B 374 18.21 19.63 -12.87
CA VAL B 374 17.88 18.22 -12.72
C VAL B 374 18.19 17.83 -11.28
N ASN B 375 17.25 17.13 -10.64
CA ASN B 375 17.55 16.56 -9.34
C ASN B 375 18.35 15.28 -9.56
N LEU B 376 19.64 15.29 -9.21
CA LEU B 376 20.43 14.08 -9.36
C LEU B 376 20.26 13.27 -8.07
N SER B 377 19.18 12.49 -8.07
CA SER B 377 18.70 11.87 -6.84
C SER B 377 19.71 10.90 -6.23
N GLY B 378 20.62 10.33 -7.03
CA GLY B 378 21.57 9.39 -6.43
C GLY B 378 22.76 9.13 -7.34
N ARG B 379 23.77 8.47 -6.78
CA ARG B 379 24.96 8.10 -7.54
C ARG B 379 24.75 6.72 -8.16
N GLY B 380 25.54 6.43 -9.19
CA GLY B 380 25.28 5.27 -10.02
C GLY B 380 26.32 4.16 -9.91
N ASP B 381 27.13 4.18 -8.86
CA ASP B 381 28.08 3.10 -8.61
C ASP B 381 27.37 1.75 -8.67
N LYS B 382 26.16 1.70 -8.08
CA LYS B 382 25.35 0.49 -7.97
C LYS B 382 24.96 -0.07 -9.34
N ASP B 383 25.02 0.78 -10.37
CA ASP B 383 24.47 0.45 -11.68
C ASP B 383 25.55 0.07 -12.69
N ILE B 384 26.84 0.13 -12.30
CA ILE B 384 27.90 0.03 -13.30
C ILE B 384 27.92 -1.34 -13.99
N PHE B 385 27.59 -2.40 -13.25
CA PHE B 385 27.54 -3.74 -13.84
C PHE B 385 26.33 -3.88 -14.76
N THR B 386 25.19 -3.33 -14.34
CA THR B 386 23.99 -3.31 -15.18
C THR B 386 24.32 -2.65 -16.51
N VAL B 387 24.98 -1.48 -16.45
CA VAL B 387 25.32 -0.72 -17.64
C VAL B 387 26.39 -1.48 -18.43
N HIS B 388 27.35 -2.08 -17.71
CA HIS B 388 28.38 -2.91 -18.30
C HIS B 388 27.75 -4.05 -19.10
N ASP B 389 26.87 -4.80 -18.43
CA ASP B 389 26.29 -6.02 -18.97
C ASP B 389 25.44 -5.71 -20.20
N ILE B 390 24.70 -4.60 -20.15
CA ILE B 390 23.88 -4.21 -21.29
C ILE B 390 24.80 -3.82 -22.45
N LEU B 391 25.83 -3.03 -22.12
CA LEU B 391 26.72 -2.49 -23.13
C LEU B 391 27.78 -3.53 -23.53
N LYS B 392 27.65 -4.75 -23.00
CA LYS B 392 28.51 -5.86 -23.40
C LYS B 392 28.08 -6.35 -24.79
N ALA B 393 26.80 -6.14 -25.11
CA ALA B 393 26.25 -6.53 -26.39
C ALA B 393 26.63 -5.52 -27.47
N ARG B 394 26.60 -4.24 -27.11
CA ARG B 394 26.77 -3.14 -28.05
C ARG B 394 28.25 -2.76 -28.15
C1 F9F C . -10.71 -8.75 7.30
C2 F9F C . -10.17 -9.83 6.63
C3 F9F C . -10.90 -11.01 6.51
C4 F9F C . -12.17 -11.09 7.06
C5 F9F C . -12.71 -10.01 7.73
C6 F9F C . -11.98 -8.83 7.85
O7 F9F C . -9.91 -7.59 7.41
C8 F9F C . -10.37 -6.50 7.98
F9F F9F C . -9.40 -5.63 7.86
F10 F9F C . -11.41 -5.99 7.36
F11 F9F C . -10.69 -6.63 9.25
S12 F9F C . -13.08 -12.59 6.92
N13 F9F C . -12.06 -13.78 7.24
C14 F9F C . -11.40 -13.75 8.55
C15 F9F C . -10.76 -15.06 8.84
O16 F9F C . -9.95 -14.92 10.04
P17 F9F C . -9.10 -16.22 10.46
O18 F9F C . -8.13 -15.69 11.50
O19 F9F C . -8.41 -16.67 9.16
O20 F9F C . -10.09 -17.23 11.01
O21 F9F C . -13.50 -12.75 5.56
O22 F9F C . -14.06 -12.60 7.97
CS CS D . -22.65 -23.93 23.70
N1 PLP E . 16.38 7.99 -7.26
C2 PLP E . 17.15 7.28 -6.45
C2A PLP E . 18.63 7.51 -6.48
C3 PLP E . 16.56 6.35 -5.59
O3 PLP E . 17.39 5.66 -4.76
C4 PLP E . 15.17 6.16 -5.59
C4A PLP E . 14.59 5.19 -4.66
C5 PLP E . 14.39 6.93 -6.48
C6 PLP E . 15.04 7.83 -7.28
C5A PLP E . 12.91 6.77 -6.67
O4P PLP E . 12.12 7.01 -5.48
P PLP E . 11.31 8.37 -5.35
O1P PLP E . 10.40 8.51 -6.54
O2P PLP E . 12.29 9.50 -5.24
O3P PLP E . 10.54 8.17 -4.06
N1 BCN F . 3.65 25.16 -16.06
C1 BCN F . 2.18 25.09 -16.23
C2 BCN F . 1.46 25.47 -14.94
O21 BCN F . 0.24 25.73 -15.01
O22 BCN F . 2.14 25.46 -13.90
C3 BCN F . 4.36 24.02 -16.66
C4 BCN F . 4.49 22.81 -15.77
O4 BCN F . 4.94 23.18 -14.48
C5 BCN F . 4.18 26.47 -16.52
C6 BCN F . 5.40 26.93 -15.78
O6 BCN F . 5.22 26.74 -14.39
CS CS G . 25.30 26.39 -22.75
N TRP H . 12.43 0.49 -4.61
CA TRP H . 13.21 1.66 -4.07
C TRP H . 13.99 1.25 -2.82
O TRP H . 13.62 0.31 -2.10
CB TRP H . 12.31 2.88 -3.79
CG TRP H . 11.08 2.58 -2.99
CD1 TRP H . 10.99 2.17 -1.69
CD2 TRP H . 9.72 2.67 -3.48
NE1 TRP H . 9.67 2.01 -1.33
CE2 TRP H . 8.88 2.30 -2.40
CE3 TRP H . 9.16 3.04 -4.70
CZ2 TRP H . 7.49 2.28 -2.54
CZ3 TRP H . 7.79 3.03 -4.83
CH2 TRP H . 6.97 2.65 -3.76
OXT TRP H . 15.01 1.88 -2.51
C1 EDO I . -9.16 18.20 8.33
O1 EDO I . -9.04 19.42 9.05
C2 EDO I . -8.73 18.32 6.92
O2 EDO I . -9.73 17.96 5.98
C1 PEG J . 21.57 26.33 0.45
O1 PEG J . 21.06 26.82 1.68
C2 PEG J . 23.00 26.74 0.21
O2 PEG J . 23.11 28.16 0.19
C3 PEG J . 22.99 28.73 -1.10
C4 PEG J . 23.49 30.15 -1.10
O4 PEG J . 22.80 30.96 -0.17
C1 EDO K . -7.35 -9.61 -14.43
O1 EDO K . -6.15 -10.06 -13.89
C2 EDO K . -7.38 -9.46 -15.89
O2 EDO K . -8.29 -8.46 -16.28
C1 EDO L . 6.27 27.63 -2.47
O1 EDO L . 5.74 26.37 -2.85
C2 EDO L . 6.78 28.43 -3.62
O2 EDO L . 7.37 29.65 -3.21
S DMS M . 13.48 1.96 -25.96
O DMS M . 13.85 0.97 -27.03
C1 DMS M . 14.29 3.48 -26.38
C2 DMS M . 14.42 1.52 -24.49
CS CS N . 28.59 19.60 1.87
CS CS O . 5.73 6.63 -11.47
CS CS O . 6.41 4.37 -10.87
CL CL P . 19.21 26.71 6.13
CL CL Q . 10.82 2.73 -27.85
#